data_6VIL
#
_entry.id   6VIL
#
_cell.length_a   184.176
_cell.length_b   184.176
_cell.length_c   70.276
_cell.angle_alpha   90.000
_cell.angle_beta   90.000
_cell.angle_gamma   120.000
#
_symmetry.space_group_name_H-M   'P 31'
#
loop_
_entity.id
_entity.type
_entity.pdbx_description
1 polymer 'BAH and coiled-coil domain-containing protein 1'
2 polymer 'Histone H3.1'
#
loop_
_entity_poly.entity_id
_entity_poly.type
_entity_poly.pdbx_seq_one_letter_code
_entity_poly.pdbx_strand_id
1 'polypeptide(L)'
;SRQLWKWSGNPTQRRGMKGKARKLFYKAIVRGKETLRIGDCAVFLSAGRPNLPYIGRIESLWESWGSNMVVKVKWFYHPE
ETKLGKRQSDGKNALYQSCHEDENDVQTISHKCQVVGREQYEQMMRGRKYQDQQDLYYLAGTYDPTTGRLVTADGVPVLC
;
A,B,D,E,F,G,H,C
2 'polypeptide(L)' ATKAAR(M3L)SAPATGW I,J,L,M
#
# COMPACT_ATOMS: atom_id res chain seq x y z
N GLN A 3 -29.13 11.88 -3.52
CA GLN A 3 -27.98 11.15 -4.04
C GLN A 3 -28.00 9.70 -3.57
N LEU A 4 -29.19 9.12 -3.49
CA LEU A 4 -29.35 7.73 -3.08
C LEU A 4 -30.55 7.14 -3.79
N TRP A 5 -30.62 5.82 -3.81
CA TRP A 5 -31.71 5.08 -4.44
C TRP A 5 -32.74 4.68 -3.38
N LYS A 6 -33.99 5.06 -3.61
CA LYS A 6 -35.09 4.71 -2.73
C LYS A 6 -36.13 3.92 -3.51
N TRP A 7 -36.95 3.18 -2.77
CA TRP A 7 -38.02 2.41 -3.41
C TRP A 7 -39.05 3.34 -4.03
N SER A 8 -39.88 2.78 -4.92
CA SER A 8 -40.96 3.55 -5.52
C SER A 8 -42.11 2.60 -5.83
N GLY A 9 -43.23 2.81 -5.16
CA GLY A 9 -44.41 1.98 -5.35
C GLY A 9 -44.59 0.97 -4.23
N ASN A 10 -45.81 0.47 -4.12
CA ASN A 10 -46.12 -0.51 -3.09
C ASN A 10 -45.45 -1.85 -3.40
N PRO A 11 -44.92 -2.54 -2.39
CA PRO A 11 -44.23 -3.80 -2.64
C PRO A 11 -45.12 -5.02 -2.50
N THR A 12 -44.51 -6.21 -2.52
CA THR A 12 -45.22 -7.47 -2.34
C THR A 12 -44.31 -8.42 -1.57
N GLN A 13 -44.85 -9.03 -0.51
CA GLN A 13 -44.06 -9.93 0.32
C GLN A 13 -43.95 -11.31 -0.32
N ARG A 14 -42.77 -11.93 -0.17
CA ARG A 14 -42.55 -13.28 -0.70
C ARG A 14 -41.38 -13.90 0.06
N ARG A 15 -40.98 -15.10 -0.37
CA ARG A 15 -39.95 -15.87 0.31
C ARG A 15 -39.02 -16.51 -0.71
N GLY A 16 -38.06 -17.29 -0.21
CA GLY A 16 -37.13 -18.01 -1.06
C GLY A 16 -36.00 -17.13 -1.57
N MET A 17 -35.34 -17.61 -2.62
CA MET A 17 -34.36 -16.85 -3.38
C MET A 17 -33.09 -16.54 -2.57
N LYS A 18 -32.68 -17.46 -1.69
CA LYS A 18 -31.44 -17.33 -0.93
C LYS A 18 -31.33 -15.99 -0.19
N LYS A 20 -34.86 -20.89 2.65
CA LYS A 20 -35.78 -19.83 2.26
C LYS A 20 -36.02 -18.86 3.41
N ALA A 21 -36.06 -17.56 3.08
CA ALA A 21 -36.32 -16.50 4.04
C ALA A 21 -37.26 -15.49 3.42
N ARG A 22 -37.73 -14.54 4.22
CA ARG A 22 -38.75 -13.59 3.81
C ARG A 22 -38.14 -12.29 3.31
N LYS A 23 -38.74 -11.73 2.25
CA LYS A 23 -38.34 -10.44 1.71
C LYS A 23 -39.56 -9.70 1.18
N LEU A 24 -39.38 -8.41 0.91
CA LEU A 24 -40.39 -7.56 0.28
C LEU A 24 -39.84 -7.13 -1.07
N PHE A 25 -40.42 -7.65 -2.14
CA PHE A 25 -40.00 -7.33 -3.50
C PHE A 25 -40.72 -6.08 -3.98
N TYR A 26 -39.96 -5.15 -4.54
CA TYR A 26 -40.48 -3.93 -5.14
C TYR A 26 -40.37 -4.02 -6.66
N LYS A 27 -40.92 -3.01 -7.33
CA LYS A 27 -40.94 -2.98 -8.78
C LYS A 27 -40.03 -1.92 -9.39
N ALA A 28 -39.70 -0.86 -8.66
CA ALA A 28 -38.90 0.21 -9.24
C ALA A 28 -38.22 1.01 -8.14
N ILE A 29 -37.08 1.60 -8.49
CA ILE A 29 -36.35 2.48 -7.60
C ILE A 29 -36.25 3.85 -8.27
N VAL A 30 -36.00 4.86 -7.45
CA VAL A 30 -35.92 6.25 -7.90
C VAL A 30 -34.75 6.93 -7.20
N ARG A 31 -34.05 7.79 -7.94
CA ARG A 31 -33.00 8.66 -7.38
C ARG A 31 -33.25 10.05 -7.95
N GLY A 32 -34.03 10.85 -7.24
CA GLY A 32 -34.38 12.19 -7.68
C GLY A 32 -35.05 12.19 -9.04
N LYS A 33 -34.34 12.73 -10.03
CA LYS A 33 -34.85 12.77 -11.40
C LYS A 33 -34.85 11.39 -12.05
N GLU A 34 -33.89 10.54 -11.70
CA GLU A 34 -33.73 9.27 -12.39
C GLU A 34 -34.71 8.22 -11.85
N THR A 35 -35.27 7.44 -12.77
CA THR A 35 -36.12 6.30 -12.43
C THR A 35 -35.46 5.02 -12.96
N LEU A 36 -35.77 3.88 -12.33
CA LEU A 36 -35.18 2.62 -12.73
C LEU A 36 -36.18 1.51 -12.43
N ARG A 37 -36.79 0.96 -13.47
CA ARG A 37 -37.80 -0.07 -13.34
C ARG A 37 -37.22 -1.43 -13.71
N ILE A 38 -37.91 -2.49 -13.27
CA ILE A 38 -37.46 -3.84 -13.54
C ILE A 38 -37.51 -4.09 -15.03
N GLY A 39 -36.38 -4.49 -15.62
CA GLY A 39 -36.24 -4.68 -17.04
C GLY A 39 -35.29 -3.69 -17.69
N ASP A 40 -35.12 -2.52 -17.09
CA ASP A 40 -34.19 -1.54 -17.61
C ASP A 40 -32.75 -1.96 -17.32
N CYS A 41 -31.85 -1.55 -18.21
CA CYS A 41 -30.44 -1.85 -18.06
C CYS A 41 -29.73 -0.74 -17.31
N ALA A 42 -28.74 -1.12 -16.50
CA ALA A 42 -28.04 -0.16 -15.67
C ALA A 42 -26.55 -0.47 -15.66
N VAL A 43 -25.74 0.59 -15.73
CA VAL A 43 -24.32 0.53 -15.49
C VAL A 43 -24.10 0.70 -13.99
N PHE A 44 -23.29 -0.19 -13.42
CA PHE A 44 -23.04 -0.24 -11.99
C PHE A 44 -21.71 0.43 -11.65
N LEU A 45 -21.29 0.31 -10.39
CA LEU A 45 -19.99 0.77 -9.94
C LEU A 45 -19.14 -0.46 -9.64
N SER A 46 -18.14 -0.72 -10.48
CA SER A 46 -17.27 -1.86 -10.32
C SER A 46 -15.90 -1.43 -9.81
N ALA A 47 -15.22 -2.38 -9.16
CA ALA A 47 -13.89 -2.11 -8.61
C ALA A 47 -12.91 -3.26 -8.78
N GLY A 48 -13.35 -4.47 -9.12
CA GLY A 48 -12.48 -5.61 -9.23
C GLY A 48 -11.71 -5.65 -10.53
N ARG A 49 -11.30 -6.87 -10.89
CA ARG A 49 -10.47 -7.11 -12.08
C ARG A 49 -11.18 -7.05 -13.43
N PRO A 50 -12.51 -7.18 -13.53
CA PRO A 50 -13.16 -7.04 -14.84
C PRO A 50 -12.77 -5.73 -15.53
N ASN A 51 -12.51 -5.84 -16.84
CA ASN A 51 -11.88 -4.76 -17.60
C ASN A 51 -12.71 -3.49 -17.61
N LEU A 52 -13.86 -3.52 -18.27
CA LEU A 52 -14.69 -2.35 -18.52
C LEU A 52 -15.97 -2.41 -17.69
N PRO A 53 -16.70 -1.29 -17.55
CA PRO A 53 -17.72 -1.22 -16.48
C PRO A 53 -18.81 -2.28 -16.62
N TYR A 54 -19.19 -2.85 -15.49
CA TYR A 54 -20.21 -3.88 -15.49
C TYR A 54 -21.58 -3.27 -15.77
N ILE A 55 -22.29 -3.89 -16.71
CA ILE A 55 -23.62 -3.45 -17.13
C ILE A 55 -24.55 -4.65 -17.01
N GLY A 56 -25.75 -4.42 -16.48
CA GLY A 56 -26.66 -5.52 -16.25
C GLY A 56 -28.11 -5.11 -16.32
N ARG A 57 -28.94 -6.10 -16.62
CA ARG A 57 -30.40 -5.91 -16.64
C ARG A 57 -30.97 -6.34 -15.30
N ILE A 58 -31.82 -5.48 -14.73
CA ILE A 58 -32.43 -5.78 -13.44
C ILE A 58 -33.52 -6.83 -13.62
N GLU A 59 -33.58 -7.79 -12.71
CA GLU A 59 -34.61 -8.82 -12.76
C GLU A 59 -35.51 -8.84 -11.53
N SER A 60 -34.99 -8.48 -10.35
CA SER A 60 -35.81 -8.47 -9.15
C SER A 60 -35.17 -7.57 -8.11
N LEU A 61 -35.90 -6.54 -7.68
CA LEU A 61 -35.49 -5.67 -6.59
C LEU A 61 -36.24 -6.07 -5.32
N TRP A 62 -35.53 -6.14 -4.20
CA TRP A 62 -36.20 -6.49 -2.95
C TRP A 62 -35.43 -5.90 -1.78
N GLU A 63 -36.10 -5.92 -0.62
CA GLU A 63 -35.52 -5.53 0.66
C GLU A 63 -35.74 -6.66 1.65
N SER A 64 -34.70 -7.03 2.38
CA SER A 64 -34.78 -8.06 3.41
C SER A 64 -34.97 -7.39 4.77
N TRP A 65 -35.05 -8.23 5.80
CA TRP A 65 -35.13 -7.70 7.17
C TRP A 65 -33.85 -6.98 7.53
N GLY A 66 -33.98 -5.74 8.01
CA GLY A 66 -32.85 -4.90 8.27
C GLY A 66 -32.60 -3.81 7.24
N SER A 67 -33.56 -3.56 6.36
CA SER A 67 -33.46 -2.50 5.35
C SER A 67 -32.27 -2.71 4.42
N ASN A 68 -32.04 -3.97 4.04
CA ASN A 68 -30.98 -4.31 3.09
C ASN A 68 -31.56 -4.30 1.68
N MET A 69 -31.19 -3.29 0.90
CA MET A 69 -31.67 -3.18 -0.48
C MET A 69 -30.81 -4.04 -1.38
N VAL A 70 -31.43 -5.06 -1.99
CA VAL A 70 -30.73 -6.03 -2.83
C VAL A 70 -31.35 -6.01 -4.22
N VAL A 71 -30.49 -6.10 -5.24
CA VAL A 71 -30.91 -6.11 -6.64
C VAL A 71 -30.31 -7.35 -7.30
N LYS A 72 -31.15 -8.12 -7.98
CA LYS A 72 -30.68 -9.26 -8.77
C LYS A 72 -30.47 -8.80 -10.21
N VAL A 73 -29.28 -9.07 -10.74
CA VAL A 73 -28.85 -8.51 -12.01
C VAL A 73 -28.42 -9.66 -12.91
N LYS A 74 -28.92 -9.64 -14.15
CA LYS A 74 -28.45 -10.52 -15.21
C LYS A 74 -27.37 -9.76 -15.99
N TRP A 75 -26.16 -10.33 -16.02
CA TRP A 75 -24.99 -9.58 -16.46
C TRP A 75 -24.87 -9.52 -17.98
N PHE A 76 -24.45 -8.36 -18.47
CA PHE A 76 -23.92 -8.23 -19.82
C PHE A 76 -22.42 -8.50 -19.78
N TYR A 77 -21.78 -8.47 -20.94
CA TYR A 77 -20.34 -8.72 -21.01
C TYR A 77 -19.73 -7.92 -22.14
N HIS A 78 -18.76 -7.08 -21.82
CA HIS A 78 -17.95 -6.44 -22.84
C HIS A 78 -17.07 -7.47 -23.53
N PRO A 79 -16.65 -7.20 -24.77
CA PRO A 79 -15.77 -8.17 -25.46
C PRO A 79 -14.49 -8.46 -24.71
N GLU A 80 -13.98 -7.50 -23.94
CA GLU A 80 -12.73 -7.72 -23.21
C GLU A 80 -12.90 -8.68 -22.03
N GLU A 81 -14.12 -8.83 -21.52
CA GLU A 81 -14.36 -9.70 -20.38
C GLU A 81 -14.52 -11.17 -20.75
N THR A 82 -14.73 -11.48 -22.02
CA THR A 82 -14.86 -12.86 -22.45
C THR A 82 -13.51 -13.55 -22.45
N LYS A 83 -13.55 -14.88 -22.63
CA LYS A 83 -12.30 -15.63 -22.82
C LYS A 83 -11.58 -15.22 -24.10
N LEU A 84 -12.27 -14.56 -25.02
CA LEU A 84 -11.67 -13.99 -26.21
C LEU A 84 -11.57 -12.49 -26.03
N GLY A 85 -10.47 -11.90 -26.50
CA GLY A 85 -10.29 -10.47 -26.42
C GLY A 85 -11.28 -9.74 -27.32
N LYS A 86 -11.12 -8.42 -27.38
CA LYS A 86 -11.95 -7.61 -28.26
C LYS A 86 -11.73 -8.05 -29.71
N ARG A 87 -12.75 -8.66 -30.30
CA ARG A 87 -12.63 -9.17 -31.67
C ARG A 87 -12.29 -8.02 -32.62
N GLN A 88 -11.45 -8.33 -33.61
CA GLN A 88 -11.11 -7.35 -34.62
C GLN A 88 -12.36 -6.88 -35.34
N SER A 89 -12.60 -5.56 -35.30
CA SER A 89 -13.81 -4.95 -35.84
C SER A 89 -15.06 -5.45 -35.11
N ASP A 90 -14.97 -5.48 -33.78
CA ASP A 90 -16.14 -5.79 -32.97
C ASP A 90 -17.09 -4.60 -32.89
N GLY A 91 -16.56 -3.41 -32.67
CA GLY A 91 -17.37 -2.21 -32.58
C GLY A 91 -17.24 -1.51 -31.25
N LYS A 92 -17.61 -0.24 -31.20
CA LYS A 92 -17.56 0.52 -29.96
C LYS A 92 -18.78 0.25 -29.11
N ASN A 93 -18.56 0.06 -27.81
CA ASN A 93 -19.63 -0.12 -26.83
C ASN A 93 -20.45 -1.38 -27.10
N ALA A 94 -19.77 -2.45 -27.52
CA ALA A 94 -20.43 -3.72 -27.73
C ALA A 94 -20.69 -4.42 -26.40
N LEU A 95 -21.86 -5.05 -26.29
CA LEU A 95 -22.22 -5.79 -25.09
C LEU A 95 -22.71 -7.18 -25.47
N TYR A 96 -22.16 -8.20 -24.82
CA TYR A 96 -22.58 -9.58 -25.03
C TYR A 96 -23.58 -9.98 -23.96
N GLN A 97 -24.76 -10.43 -24.38
CA GLN A 97 -25.79 -10.83 -23.43
C GLN A 97 -25.43 -12.15 -22.77
N SER A 98 -25.83 -12.28 -21.50
CA SER A 98 -25.59 -13.49 -20.74
C SER A 98 -26.82 -13.80 -19.89
N CYS A 99 -26.96 -15.07 -19.54
CA CYS A 99 -28.01 -15.53 -18.64
C CYS A 99 -27.44 -15.95 -17.29
N HIS A 100 -26.29 -15.38 -16.92
CA HIS A 100 -25.66 -15.61 -15.63
C HIS A 100 -25.95 -14.41 -14.74
N GLU A 101 -26.71 -14.64 -13.67
CA GLU A 101 -27.20 -13.57 -12.81
C GLU A 101 -26.63 -13.73 -11.40
N ASP A 102 -26.69 -12.64 -10.65
CA ASP A 102 -26.30 -12.67 -9.24
C ASP A 102 -26.86 -11.44 -8.53
N GLU A 103 -26.75 -11.46 -7.21
CA GLU A 103 -27.29 -10.40 -6.37
C GLU A 103 -26.20 -9.40 -5.99
N ASN A 104 -26.62 -8.14 -5.82
CA ASN A 104 -25.72 -7.07 -5.42
C ASN A 104 -26.51 -6.05 -4.62
N ASP A 105 -25.81 -5.03 -4.12
CA ASP A 105 -26.47 -3.96 -3.39
C ASP A 105 -27.06 -2.95 -4.38
N VAL A 106 -28.25 -2.46 -4.05
CA VAL A 106 -28.95 -1.51 -4.92
C VAL A 106 -28.17 -0.22 -5.07
N GLN A 107 -27.48 0.22 -4.02
CA GLN A 107 -26.77 1.49 -4.04
C GLN A 107 -25.51 1.46 -4.90
N THR A 108 -25.17 0.32 -5.50
CA THR A 108 -24.02 0.21 -6.39
C THR A 108 -24.38 0.48 -7.85
N ILE A 109 -25.56 1.04 -8.11
CA ILE A 109 -26.00 1.32 -9.47
C ILE A 109 -25.54 2.72 -9.85
N SER A 110 -24.70 2.82 -10.87
CA SER A 110 -24.21 4.12 -11.31
C SER A 110 -25.30 4.89 -12.05
N HIS A 111 -25.77 4.35 -13.18
CA HIS A 111 -26.75 5.10 -13.97
C HIS A 111 -27.47 4.18 -14.94
N LYS A 112 -28.71 4.55 -15.26
CA LYS A 112 -29.48 3.79 -16.24
C LYS A 112 -28.90 3.98 -17.64
N CYS A 113 -28.91 2.91 -18.42
CA CYS A 113 -28.39 2.91 -19.78
C CYS A 113 -29.36 2.18 -20.68
N GLN A 114 -29.04 2.15 -21.98
CA GLN A 114 -29.86 1.48 -22.97
C GLN A 114 -29.01 0.49 -23.75
N VAL A 115 -29.63 -0.62 -24.16
CA VAL A 115 -28.98 -1.65 -24.96
C VAL A 115 -29.86 -1.88 -26.18
N VAL A 116 -29.39 -1.45 -27.35
CA VAL A 116 -30.19 -1.52 -28.58
C VAL A 116 -29.46 -2.36 -29.62
N GLY A 117 -30.09 -2.52 -30.78
CA GLY A 117 -29.47 -3.24 -31.88
C GLY A 117 -28.37 -2.44 -32.54
N ARG A 118 -27.61 -3.13 -33.40
CA ARG A 118 -26.46 -2.50 -34.06
C ARG A 118 -26.91 -1.38 -34.99
N GLU A 119 -27.88 -1.66 -35.86
CA GLU A 119 -28.38 -0.64 -36.77
C GLU A 119 -29.02 0.50 -36.00
N GLN A 120 -29.80 0.18 -34.96
CA GLN A 120 -30.38 1.23 -34.12
C GLN A 120 -29.30 2.02 -33.41
N TYR A 121 -28.24 1.36 -32.95
CA TYR A 121 -27.13 2.04 -32.30
C TYR A 121 -26.48 3.04 -33.25
N GLU A 122 -26.21 2.62 -34.48
CA GLU A 122 -25.55 3.51 -35.43
C GLU A 122 -26.48 4.63 -35.90
N GLN A 123 -27.80 4.37 -35.93
CA GLN A 123 -28.74 5.42 -36.30
C GLN A 123 -28.88 6.44 -35.17
N MET A 124 -28.76 6.00 -33.92
CA MET A 124 -28.86 6.92 -32.78
C MET A 124 -27.58 7.73 -32.62
N MET A 125 -26.42 7.08 -32.70
CA MET A 125 -25.13 7.73 -32.47
C MET A 125 -24.56 8.32 -33.75
N ARG A 126 -25.34 9.14 -34.44
CA ARG A 126 -24.93 9.69 -35.73
C ARG A 126 -24.48 11.14 -35.67
N GLY A 127 -24.84 11.87 -34.61
CA GLY A 127 -24.56 13.30 -34.58
C GLY A 127 -23.57 13.77 -33.53
N ARG A 128 -23.88 13.50 -32.27
CA ARG A 128 -23.12 14.08 -31.16
C ARG A 128 -21.65 13.68 -31.24
N LYS A 129 -20.77 14.67 -31.24
CA LYS A 129 -19.34 14.39 -31.36
C LYS A 129 -18.79 13.65 -30.15
N TYR A 130 -19.43 13.78 -28.99
CA TYR A 130 -19.01 13.05 -27.79
C TYR A 130 -19.63 11.66 -27.85
N GLN A 131 -18.90 10.74 -28.50
CA GLN A 131 -19.42 9.43 -28.85
C GLN A 131 -19.11 8.37 -27.81
N ASP A 132 -17.90 8.37 -27.25
CA ASP A 132 -17.50 7.37 -26.25
C ASP A 132 -18.14 7.73 -24.92
N GLN A 133 -19.41 7.33 -24.78
CA GLN A 133 -20.18 7.55 -23.57
C GLN A 133 -20.41 6.23 -22.84
N GLN A 134 -21.29 6.27 -21.83
CA GLN A 134 -21.62 5.08 -21.04
C GLN A 134 -23.13 4.90 -20.90
N ASP A 135 -23.92 5.55 -21.76
CA ASP A 135 -25.37 5.52 -21.65
C ASP A 135 -26.06 4.66 -22.70
N LEU A 136 -25.40 4.38 -23.83
CA LEU A 136 -26.01 3.59 -24.88
C LEU A 136 -25.00 2.58 -25.41
N TYR A 137 -25.42 1.31 -25.49
CA TYR A 137 -24.60 0.23 -26.01
C TYR A 137 -25.43 -0.57 -27.00
N TYR A 138 -24.74 -1.42 -27.78
CA TYR A 138 -25.39 -2.27 -28.75
C TYR A 138 -25.12 -3.73 -28.43
N LEU A 139 -26.16 -4.54 -28.55
CA LEU A 139 -26.04 -5.97 -28.33
C LEU A 139 -25.29 -6.62 -29.48
N ALA A 140 -24.27 -7.42 -29.14
CA ALA A 140 -23.46 -8.09 -30.13
C ALA A 140 -23.65 -9.61 -30.14
N GLY A 141 -24.33 -10.16 -29.15
CA GLY A 141 -24.59 -11.59 -29.16
C GLY A 141 -24.85 -12.12 -27.76
N THR A 142 -24.52 -13.39 -27.58
CA THR A 142 -24.77 -14.12 -26.34
C THR A 142 -23.51 -14.83 -25.89
N TYR A 143 -23.10 -14.60 -24.65
CA TYR A 143 -21.90 -15.19 -24.08
C TYR A 143 -22.27 -15.97 -22.82
N ASP A 144 -21.72 -17.17 -22.69
CA ASP A 144 -21.93 -18.01 -21.52
C ASP A 144 -20.61 -18.22 -20.79
N PRO A 145 -20.41 -17.63 -19.61
CA PRO A 145 -19.11 -17.78 -18.93
C PRO A 145 -18.82 -19.20 -18.50
N THR A 146 -19.84 -20.01 -18.24
CA THR A 146 -19.61 -21.39 -17.82
C THR A 146 -19.01 -22.22 -18.95
N THR A 147 -19.42 -21.97 -20.19
CA THR A 147 -18.94 -22.72 -21.34
C THR A 147 -17.91 -21.96 -22.15
N GLY A 148 -17.83 -20.64 -22.02
CA GLY A 148 -16.95 -19.82 -22.84
C GLY A 148 -17.45 -19.58 -24.24
N ARG A 149 -18.46 -20.31 -24.70
CA ARG A 149 -19.00 -20.11 -26.04
C ARG A 149 -19.71 -18.76 -26.13
N LEU A 150 -19.60 -18.13 -27.29
CA LEU A 150 -20.31 -16.88 -27.54
C LEU A 150 -20.70 -16.81 -29.00
N VAL A 151 -21.95 -16.44 -29.26
CA VAL A 151 -22.48 -16.32 -30.61
C VAL A 151 -22.82 -14.86 -30.87
N THR A 152 -22.92 -14.53 -32.16
CA THR A 152 -23.17 -13.16 -32.58
C THR A 152 -24.65 -12.82 -32.39
N ALA A 153 -25.05 -11.65 -32.88
CA ALA A 153 -26.46 -11.25 -32.85
C ALA A 153 -27.29 -11.97 -33.91
N ASP A 154 -26.70 -12.90 -34.65
CA ASP A 154 -27.42 -13.69 -35.63
C ASP A 154 -27.37 -15.19 -35.33
N GLY A 155 -26.65 -15.59 -34.29
CA GLY A 155 -26.55 -16.99 -33.93
C GLY A 155 -25.37 -17.69 -34.58
N VAL A 156 -24.24 -16.99 -34.67
CA VAL A 156 -23.04 -17.49 -35.33
C VAL A 156 -21.95 -17.67 -34.26
N PRO A 157 -21.61 -18.90 -33.89
CA PRO A 157 -20.47 -19.09 -32.98
C PRO A 157 -19.17 -18.59 -33.60
N VAL A 158 -18.23 -18.24 -32.74
CA VAL A 158 -16.96 -17.66 -33.15
C VAL A 158 -15.83 -18.56 -32.66
N LEU A 159 -14.62 -18.25 -33.13
CA LEU A 159 -13.43 -18.99 -32.74
C LEU A 159 -12.34 -18.04 -32.25
N GLN B 3 -6.21 5.66 31.52
CA GLN B 3 -7.52 5.88 30.93
C GLN B 3 -7.52 5.57 29.43
N LEU B 4 -6.59 6.18 28.71
CA LEU B 4 -6.53 6.00 27.26
C LEU B 4 -5.87 4.66 26.92
N TRP B 5 -6.20 4.16 25.73
CA TRP B 5 -5.59 2.96 25.19
C TRP B 5 -4.45 3.35 24.26
N LYS B 6 -3.35 2.59 24.32
CA LYS B 6 -2.22 2.80 23.44
C LYS B 6 -1.76 1.45 22.89
N TRP B 7 -1.00 1.50 21.80
CA TRP B 7 -0.57 0.30 21.11
C TRP B 7 0.38 -0.51 21.98
N SER B 8 0.69 -1.72 21.52
CA SER B 8 1.52 -2.66 22.27
C SER B 8 2.33 -3.50 21.29
N GLY B 9 3.16 -2.85 20.50
CA GLY B 9 4.01 -3.54 19.54
C GLY B 9 4.27 -2.67 18.33
N ASN B 10 5.27 -3.08 17.55
CA ASN B 10 5.62 -2.34 16.35
C ASN B 10 4.54 -2.53 15.28
N PRO B 11 4.28 -1.50 14.48
CA PRO B 11 3.22 -1.60 13.47
C PRO B 11 3.64 -2.46 12.29
N THR B 12 2.63 -2.97 11.59
CA THR B 12 2.79 -3.74 10.36
C THR B 12 2.09 -2.95 9.26
N GLN B 13 2.78 -1.93 8.76
CA GLN B 13 2.18 -0.98 7.85
C GLN B 13 1.74 -1.63 6.54
N ARG B 14 0.71 -1.05 5.92
CA ARG B 14 0.25 -1.51 4.63
C ARG B 14 -0.29 -0.34 3.82
N ARG B 15 -0.17 -0.45 2.50
CA ARG B 15 -0.61 0.57 1.57
C ARG B 15 -2.08 0.37 1.20
N LYS B 20 6.60 2.99 3.15
CA LYS B 20 5.41 2.53 2.44
C LYS B 20 4.29 2.20 3.42
N ALA B 21 3.35 3.14 3.59
CA ALA B 21 2.31 2.96 4.59
C ALA B 21 1.13 3.88 4.28
N ARG B 22 -0.06 3.30 4.28
CA ARG B 22 -1.31 4.07 4.40
C ARG B 22 -2.00 3.83 5.74
N LYS B 23 -1.98 2.59 6.23
CA LYS B 23 -2.48 2.27 7.57
C LYS B 23 -1.41 1.53 8.35
N LEU B 24 -1.34 1.82 9.66
CA LEU B 24 -0.38 1.16 10.55
C LEU B 24 -1.13 0.10 11.34
N PHE B 25 -1.00 -1.16 10.93
CA PHE B 25 -1.77 -2.26 11.50
C PHE B 25 -1.05 -2.81 12.72
N TYR B 26 -1.61 -2.57 13.90
CA TYR B 26 -1.06 -3.12 15.13
C TYR B 26 -1.77 -4.42 15.49
N LYS B 27 -1.28 -5.08 16.54
CA LYS B 27 -1.80 -6.37 16.94
C LYS B 27 -2.48 -6.38 18.31
N ALA B 28 -2.26 -5.34 19.13
CA ALA B 28 -2.83 -5.34 20.47
C ALA B 28 -2.81 -3.91 21.02
N ILE B 29 -3.61 -3.71 22.07
CA ILE B 29 -3.67 -2.45 22.80
C ILE B 29 -3.56 -2.76 24.29
N VAL B 30 -3.13 -1.77 25.06
CA VAL B 30 -2.89 -1.93 26.48
C VAL B 30 -3.47 -0.76 27.25
N ARG B 31 -3.78 -1.02 28.53
CA ARG B 31 -4.27 0.01 29.44
C ARG B 31 -4.05 -0.53 30.85
N GLY B 32 -2.99 -0.07 31.51
CA GLY B 32 -2.66 -0.57 32.83
C GLY B 32 -2.34 -2.04 32.77
N LYS B 33 -2.97 -2.82 33.65
CA LYS B 33 -2.82 -4.26 33.65
C LYS B 33 -3.75 -4.97 32.68
N GLU B 34 -4.44 -4.21 31.81
CA GLU B 34 -5.36 -4.78 30.86
C GLU B 34 -4.73 -4.81 29.47
N THR B 35 -4.90 -5.92 28.76
CA THR B 35 -4.37 -6.08 27.41
C THR B 35 -5.46 -6.68 26.52
N LEU B 36 -5.71 -6.03 25.39
CA LEU B 36 -6.65 -6.52 24.39
C LEU B 36 -5.87 -6.92 23.14
N ARG B 37 -6.15 -8.13 22.63
CA ARG B 37 -5.47 -8.65 21.46
C ARG B 37 -6.51 -9.07 20.43
N ILE B 38 -6.02 -9.35 19.22
CA ILE B 38 -6.91 -9.77 18.13
C ILE B 38 -7.61 -11.07 18.51
N GLY B 39 -8.91 -11.14 18.22
CA GLY B 39 -9.72 -12.27 18.57
C GLY B 39 -10.43 -12.16 19.90
N ASP B 40 -9.94 -11.33 20.81
CA ASP B 40 -10.60 -11.13 22.09
C ASP B 40 -11.91 -10.36 21.90
N CYS B 41 -12.80 -10.52 22.87
CA CYS B 41 -14.09 -9.84 22.85
C CYS B 41 -14.07 -8.66 23.81
N ALA B 42 -14.71 -7.57 23.40
CA ALA B 42 -14.72 -6.33 24.15
C ALA B 42 -16.13 -5.77 24.26
N VAL B 43 -16.47 -5.31 25.46
CA VAL B 43 -17.67 -4.51 25.70
C VAL B 43 -17.30 -3.05 25.50
N PHE B 44 -18.11 -2.35 24.71
CA PHE B 44 -17.86 -0.98 24.27
C PHE B 44 -18.71 0.01 25.06
N LEU B 45 -18.42 1.30 24.84
CA LEU B 45 -19.23 2.38 25.38
C LEU B 45 -20.45 2.53 24.48
N SER B 46 -21.54 1.87 24.86
CA SER B 46 -22.78 1.96 24.09
C SER B 46 -23.29 3.39 24.09
N ALA B 47 -23.72 3.85 22.91
CA ALA B 47 -24.07 5.25 22.73
C ALA B 47 -25.29 5.63 23.57
N GLY B 48 -26.41 4.94 23.36
CA GLY B 48 -27.63 5.28 24.05
C GLY B 48 -28.41 4.09 24.57
N ARG B 49 -27.76 2.93 24.66
CA ARG B 49 -28.37 1.69 25.12
C ARG B 49 -27.66 1.20 26.37
N PRO B 50 -28.37 0.98 27.47
CA PRO B 50 -27.69 0.82 28.76
C PRO B 50 -27.42 -0.63 29.17
N ASN B 51 -28.46 -1.42 29.40
CA ASN B 51 -28.31 -2.79 29.85
C ASN B 51 -27.80 -3.74 28.78
N LEU B 52 -27.87 -3.37 27.50
CA LEU B 52 -27.41 -4.22 26.40
C LEU B 52 -26.26 -3.49 25.71
N PRO B 53 -25.04 -3.65 26.19
CA PRO B 53 -23.93 -2.86 25.66
C PRO B 53 -23.41 -3.43 24.34
N TYR B 54 -22.81 -2.53 23.55
CA TYR B 54 -22.20 -2.92 22.29
C TYR B 54 -21.02 -3.85 22.55
N ILE B 55 -21.22 -5.15 22.37
CA ILE B 55 -20.19 -6.14 22.60
C ILE B 55 -19.78 -6.72 21.25
N GLY B 56 -18.47 -6.85 21.04
CA GLY B 56 -17.99 -7.37 19.77
C GLY B 56 -16.69 -8.12 19.93
N ARG B 57 -16.17 -8.61 18.80
CA ARG B 57 -14.89 -9.29 18.75
C ARG B 57 -13.95 -8.48 17.88
N ILE B 58 -12.74 -8.22 18.39
CA ILE B 58 -11.77 -7.39 17.68
C ILE B 58 -11.18 -8.19 16.53
N GLU B 59 -11.39 -7.70 15.30
CA GLU B 59 -10.86 -8.33 14.11
C GLU B 59 -9.57 -7.67 13.63
N SER B 60 -9.57 -6.33 13.53
CA SER B 60 -8.43 -5.60 12.98
C SER B 60 -8.19 -4.36 13.81
N LEU B 61 -6.94 -4.17 14.24
CA LEU B 61 -6.51 -2.99 14.97
C LEU B 61 -5.51 -2.23 14.11
N TRP B 62 -5.81 -0.96 13.82
CA TRP B 62 -4.88 -0.16 13.04
C TRP B 62 -5.04 1.31 13.37
N GLU B 63 -4.04 2.09 12.97
CA GLU B 63 -4.02 3.53 13.11
C GLU B 63 -4.03 4.16 11.71
N SER B 64 -4.87 5.18 11.54
CA SER B 64 -5.05 5.84 10.26
C SER B 64 -4.06 7.00 10.14
N TRP B 65 -4.28 7.87 9.16
CA TRP B 65 -3.36 8.98 8.92
C TRP B 65 -3.46 10.02 10.02
N GLY B 66 -4.68 10.44 10.36
CA GLY B 66 -4.87 11.47 11.36
C GLY B 66 -4.70 11.00 12.79
N SER B 67 -3.80 10.03 13.00
CA SER B 67 -3.50 9.47 14.31
C SER B 67 -4.72 8.85 14.98
N ASN B 68 -5.78 8.58 14.20
CA ASN B 68 -6.97 7.95 14.76
C ASN B 68 -6.70 6.48 15.05
N MET B 69 -7.11 6.03 16.23
CA MET B 69 -7.00 4.64 16.63
C MET B 69 -8.33 3.96 16.31
N VAL B 70 -8.34 3.14 15.27
CA VAL B 70 -9.56 2.50 14.76
C VAL B 70 -9.51 1.01 15.12
N VAL B 71 -10.63 0.50 15.63
CA VAL B 71 -10.80 -0.92 15.90
C VAL B 71 -11.95 -1.44 15.04
N LYS B 72 -11.67 -2.46 14.24
CA LYS B 72 -12.70 -3.16 13.49
C LYS B 72 -13.25 -4.29 14.35
N VAL B 73 -14.57 -4.43 14.38
CA VAL B 73 -15.22 -5.32 15.33
C VAL B 73 -16.35 -6.06 14.63
N LYS B 74 -16.39 -7.38 14.84
CA LYS B 74 -17.51 -8.21 14.42
C LYS B 74 -18.46 -8.35 15.61
N TRP B 75 -19.69 -7.88 15.45
CA TRP B 75 -20.56 -7.67 16.59
C TRP B 75 -21.15 -8.98 17.12
N PHE B 76 -21.41 -8.98 18.43
CA PHE B 76 -22.31 -9.92 19.08
C PHE B 76 -23.67 -9.26 19.27
N TYR B 77 -24.69 -10.10 19.39
CA TYR B 77 -26.06 -9.62 19.48
C TYR B 77 -26.75 -10.19 20.72
N HIS B 78 -27.33 -9.30 21.52
CA HIS B 78 -28.14 -9.73 22.65
C HIS B 78 -29.47 -10.28 22.14
N PRO B 79 -30.13 -11.15 22.92
CA PRO B 79 -31.44 -11.68 22.47
C PRO B 79 -32.48 -10.60 22.30
N GLU B 80 -32.37 -9.48 23.02
CA GLU B 80 -33.34 -8.40 22.91
C GLU B 80 -33.17 -7.58 21.64
N GLU B 81 -32.18 -7.89 20.79
CA GLU B 81 -31.96 -7.18 19.54
C GLU B 81 -32.31 -8.00 18.31
N THR B 82 -32.54 -9.30 18.46
CA THR B 82 -32.85 -10.15 17.31
C THR B 82 -34.34 -10.07 16.99
N LYS B 83 -34.73 -10.74 15.90
CA LYS B 83 -36.13 -10.82 15.50
C LYS B 83 -36.94 -11.44 16.64
N LEU B 84 -36.80 -12.74 16.85
CA LEU B 84 -37.37 -13.36 18.04
C LEU B 84 -36.72 -12.77 19.28
N GLY B 85 -37.54 -12.25 20.18
CA GLY B 85 -37.04 -11.53 21.33
C GLY B 85 -36.31 -12.41 22.33
N LYS B 86 -36.19 -11.91 23.57
CA LYS B 86 -35.60 -12.71 24.64
C LYS B 86 -36.34 -14.04 24.81
N ARG B 87 -37.67 -14.01 24.74
CA ARG B 87 -38.50 -15.21 24.70
C ARG B 87 -38.24 -16.05 25.95
N GLN B 88 -38.04 -17.36 25.84
CA GLN B 88 -37.84 -18.24 26.98
C GLN B 88 -36.52 -19.00 26.86
N SER B 89 -36.01 -19.44 28.01
CA SER B 89 -34.78 -20.23 28.11
C SER B 89 -33.55 -19.46 27.60
N ASP B 90 -33.55 -18.14 27.75
CA ASP B 90 -32.39 -17.32 27.43
C ASP B 90 -31.80 -16.77 28.71
N GLY B 91 -30.55 -17.10 28.97
CA GLY B 91 -29.88 -16.68 30.19
C GLY B 91 -29.69 -15.17 30.26
N LYS B 92 -29.14 -14.72 31.39
CA LYS B 92 -28.94 -13.30 31.60
C LYS B 92 -27.86 -12.75 30.67
N ASN B 93 -26.77 -13.48 30.50
CA ASN B 93 -25.66 -13.02 29.69
C ASN B 93 -25.54 -13.82 28.40
N ALA B 94 -26.60 -13.82 27.59
CA ALA B 94 -26.61 -14.53 26.31
C ALA B 94 -26.16 -13.60 25.20
N LEU B 95 -25.28 -14.09 24.34
CA LEU B 95 -24.82 -13.33 23.19
C LEU B 95 -24.89 -14.21 21.94
N TYR B 96 -25.45 -13.65 20.86
CA TYR B 96 -25.56 -14.34 19.59
C TYR B 96 -24.44 -13.88 18.67
N GLN B 97 -23.60 -14.82 18.24
CA GLN B 97 -22.52 -14.50 17.31
C GLN B 97 -23.10 -14.03 15.97
N SER B 98 -22.44 -13.04 15.38
CA SER B 98 -22.89 -12.51 14.10
C SER B 98 -21.68 -12.20 13.23
N CYS B 99 -21.93 -12.12 11.92
CA CYS B 99 -20.92 -11.73 10.96
C CYS B 99 -20.95 -10.24 10.65
N HIS B 100 -21.89 -9.50 11.23
CA HIS B 100 -21.94 -8.06 11.03
C HIS B 100 -20.75 -7.39 11.70
N GLU B 101 -20.05 -6.55 10.95
CA GLU B 101 -18.83 -5.92 11.44
C GLU B 101 -18.79 -4.47 10.99
N ASP B 102 -18.10 -3.65 11.79
CA ASP B 102 -17.86 -2.25 11.44
C ASP B 102 -16.74 -1.71 12.30
N GLU B 103 -16.35 -0.46 12.03
CA GLU B 103 -15.20 0.17 12.67
C GLU B 103 -15.66 1.22 13.67
N ASN B 104 -14.92 1.34 14.76
CA ASN B 104 -15.16 2.35 15.78
C ASN B 104 -13.82 2.89 16.27
N ASP B 105 -13.87 3.85 17.18
CA ASP B 105 -12.67 4.35 17.82
C ASP B 105 -12.19 3.34 18.87
N VAL B 106 -10.87 3.29 19.06
CA VAL B 106 -10.33 2.39 20.08
C VAL B 106 -10.69 2.89 21.47
N GLN B 107 -10.73 4.21 21.66
CA GLN B 107 -11.00 4.79 22.97
C GLN B 107 -12.45 4.62 23.42
N THR B 108 -13.30 4.02 22.60
CA THR B 108 -14.67 3.74 23.02
C THR B 108 -14.82 2.33 23.57
N ILE B 109 -13.74 1.55 23.62
CA ILE B 109 -13.78 0.23 24.24
C ILE B 109 -13.84 0.39 25.75
N SER B 110 -14.86 -0.22 26.37
CA SER B 110 -14.99 -0.13 27.82
C SER B 110 -14.07 -1.13 28.51
N HIS B 111 -14.28 -2.43 28.25
CA HIS B 111 -13.44 -3.43 28.90
C HIS B 111 -13.56 -4.77 28.20
N LYS B 112 -12.52 -5.59 28.32
CA LYS B 112 -12.52 -6.92 27.74
C LYS B 112 -13.53 -7.81 28.45
N CYS B 113 -13.96 -8.86 27.75
CA CYS B 113 -14.94 -9.79 28.27
C CYS B 113 -14.72 -11.16 27.64
N GLN B 114 -14.92 -12.20 28.43
CA GLN B 114 -14.82 -13.56 27.93
C GLN B 114 -16.18 -14.04 27.42
N VAL B 115 -16.14 -14.94 26.44
CA VAL B 115 -17.34 -15.54 25.88
C VAL B 115 -17.12 -17.05 25.82
N VAL B 116 -17.93 -17.79 26.58
CA VAL B 116 -17.77 -19.23 26.70
C VAL B 116 -19.11 -19.91 26.41
N GLY B 117 -19.11 -21.24 26.48
CA GLY B 117 -20.33 -22.00 26.31
C GLY B 117 -21.27 -21.86 27.49
N ARG B 118 -22.47 -22.39 27.32
CA ARG B 118 -23.48 -22.26 28.37
C ARG B 118 -23.10 -23.09 29.59
N GLU B 119 -22.62 -24.31 29.39
CA GLU B 119 -22.16 -25.12 30.52
C GLU B 119 -20.97 -24.46 31.21
N GLN B 120 -20.02 -23.94 30.42
CA GLN B 120 -18.89 -23.21 31.01
C GLN B 120 -19.38 -21.96 31.73
N TYR B 121 -20.41 -21.30 31.19
CA TYR B 121 -20.96 -20.11 31.84
C TYR B 121 -21.55 -20.47 33.20
N GLU B 122 -22.32 -21.56 33.27
CA GLU B 122 -22.91 -21.97 34.54
C GLU B 122 -21.85 -22.43 35.52
N GLN B 123 -20.78 -23.07 35.02
CA GLN B 123 -19.73 -23.56 35.91
C GLN B 123 -18.93 -22.42 36.51
N MET B 124 -18.46 -21.49 35.65
CA MET B 124 -17.64 -20.39 36.13
C MET B 124 -18.45 -19.37 36.93
N MET B 125 -19.78 -19.35 36.78
CA MET B 125 -20.65 -18.44 37.51
C MET B 125 -21.48 -19.17 38.55
N ARG B 126 -20.92 -20.22 39.17
CA ARG B 126 -21.65 -21.01 40.16
C ARG B 126 -21.48 -20.48 41.57
N GLY B 127 -20.34 -19.86 41.88
CA GLY B 127 -20.06 -19.48 43.25
C GLY B 127 -20.33 -18.02 43.58
N ARG B 128 -19.85 -17.10 42.74
CA ARG B 128 -19.95 -15.68 43.04
C ARG B 128 -21.40 -15.24 43.14
N LYS B 129 -21.70 -14.46 44.17
CA LYS B 129 -23.05 -13.98 44.43
C LYS B 129 -23.38 -12.68 43.72
N TYR B 130 -22.46 -12.16 42.91
CA TYR B 130 -22.66 -10.91 42.17
C TYR B 130 -22.91 -11.24 40.71
N GLN B 131 -24.13 -11.68 40.42
CA GLN B 131 -24.55 -11.94 39.04
C GLN B 131 -24.82 -10.61 38.33
N ASP B 132 -25.53 -10.67 37.19
CA ASP B 132 -25.87 -9.48 36.41
C ASP B 132 -24.61 -8.70 36.04
N GLN B 133 -23.58 -9.42 35.60
CA GLN B 133 -22.29 -8.83 35.30
C GLN B 133 -22.26 -8.27 33.89
N GLN B 134 -21.10 -7.73 33.51
CA GLN B 134 -20.81 -7.32 32.15
C GLN B 134 -19.39 -7.69 31.76
N ASP B 135 -18.87 -8.77 32.36
CA ASP B 135 -17.49 -9.19 32.16
C ASP B 135 -17.34 -10.57 31.55
N LEU B 136 -18.40 -11.39 31.55
CA LEU B 136 -18.33 -12.73 30.98
C LEU B 136 -19.70 -13.12 30.47
N TYR B 137 -19.76 -13.64 29.24
CA TYR B 137 -21.01 -13.97 28.57
C TYR B 137 -20.93 -15.37 27.99
N TYR B 138 -22.08 -15.90 27.60
CA TYR B 138 -22.17 -17.22 26.99
C TYR B 138 -22.76 -17.11 25.60
N LEU B 139 -22.19 -17.88 24.68
CA LEU B 139 -22.61 -17.90 23.29
C LEU B 139 -23.87 -18.75 23.14
N ALA B 140 -24.91 -18.16 22.56
CA ALA B 140 -26.17 -18.85 22.34
C ALA B 140 -26.32 -19.41 20.93
N GLY B 141 -25.74 -18.75 19.93
CA GLY B 141 -25.83 -19.23 18.57
C GLY B 141 -25.29 -18.28 17.52
N THR B 142 -26.06 -18.07 16.46
CA THR B 142 -25.63 -17.24 15.34
C THR B 142 -26.83 -16.47 14.81
N TYR B 143 -26.70 -15.15 14.74
CA TYR B 143 -27.75 -14.26 14.27
C TYR B 143 -27.30 -13.55 13.01
N ASP B 144 -28.19 -13.48 12.02
CA ASP B 144 -27.91 -12.81 10.76
C ASP B 144 -28.76 -11.56 10.66
N PRO B 145 -28.20 -10.36 10.92
CA PRO B 145 -29.01 -9.14 10.83
C PRO B 145 -29.50 -8.83 9.43
N THR B 146 -28.85 -9.37 8.39
CA THR B 146 -29.31 -9.12 7.03
C THR B 146 -30.59 -9.88 6.71
N THR B 147 -30.81 -11.02 7.37
CA THR B 147 -31.96 -11.85 7.11
C THR B 147 -32.87 -12.04 8.32
N GLY B 148 -32.34 -11.96 9.54
CA GLY B 148 -33.09 -12.27 10.72
C GLY B 148 -33.04 -13.72 11.15
N ARG B 149 -32.41 -14.58 10.35
CA ARG B 149 -32.30 -16.00 10.69
C ARG B 149 -31.41 -16.17 11.91
N LEU B 150 -31.96 -16.79 12.96
CA LEU B 150 -31.23 -17.02 14.20
C LEU B 150 -31.18 -18.52 14.45
N VAL B 151 -29.97 -19.07 14.51
CA VAL B 151 -29.76 -20.48 14.84
C VAL B 151 -29.11 -20.54 16.22
N THR B 152 -29.25 -21.70 16.86
CA THR B 152 -28.69 -21.90 18.19
C THR B 152 -27.24 -22.36 18.09
N ALA B 153 -26.64 -22.61 19.25
CA ALA B 153 -25.27 -23.13 19.29
C ALA B 153 -25.17 -24.57 18.82
N ASP B 154 -26.28 -25.20 18.46
CA ASP B 154 -26.29 -26.54 17.90
C ASP B 154 -26.81 -26.59 16.47
N GLY B 155 -27.19 -25.43 15.91
CA GLY B 155 -27.67 -25.38 14.53
C GLY B 155 -29.15 -25.64 14.40
N VAL B 156 -29.95 -25.08 15.32
CA VAL B 156 -31.40 -25.25 15.31
C VAL B 156 -32.01 -23.87 15.05
N PRO B 157 -32.54 -23.62 13.85
CA PRO B 157 -33.13 -22.30 13.57
C PRO B 157 -34.36 -22.05 14.44
N VAL B 158 -34.63 -20.76 14.67
CA VAL B 158 -35.77 -20.37 15.48
C VAL B 158 -36.87 -19.78 14.59
N THR C 2 -5.78 -7.66 -21.77
CA THR C 2 -4.97 -7.20 -22.90
C THR C 2 -3.99 -6.12 -22.48
N LYS C 3 -3.60 -5.27 -23.42
CA LYS C 3 -2.69 -4.17 -23.12
C LYS C 3 -3.33 -3.21 -22.12
N ALA C 4 -2.71 -3.09 -20.95
CA ALA C 4 -3.25 -2.28 -19.87
C ALA C 4 -2.17 -1.37 -19.32
N ALA C 5 -2.50 -0.09 -19.16
CA ALA C 5 -1.55 0.86 -18.59
C ALA C 5 -1.40 0.63 -17.09
N ARG C 6 -0.24 1.00 -16.57
CA ARG C 6 0.06 0.82 -15.16
C ARG C 6 0.51 2.12 -14.51
N SER C 8 2.46 3.95 -10.66
CA SER C 8 3.56 3.81 -9.71
C SER C 8 3.35 4.69 -8.48
N ALA C 9 4.24 4.56 -7.51
CA ALA C 9 4.21 5.45 -6.36
C ALA C 9 4.47 6.88 -6.83
N PRO C 10 3.74 7.86 -6.30
CA PRO C 10 3.83 9.23 -6.84
C PRO C 10 5.21 9.83 -6.65
N ALA C 11 5.85 10.18 -7.78
CA ALA C 11 7.14 10.85 -7.77
C ALA C 11 7.30 11.57 -9.10
N THR C 12 7.57 12.86 -9.05
CA THR C 12 7.58 13.68 -10.26
C THR C 12 8.65 14.76 -10.11
N GLY C 13 8.59 15.77 -10.96
CA GLY C 13 9.55 16.86 -10.94
C GLY C 13 9.30 17.89 -12.03
N THR D 2 -18.83 10.81 26.73
CA THR D 2 -17.94 11.45 25.79
C THR D 2 -17.95 10.71 24.44
N LYS D 3 -16.88 9.96 24.17
CA LYS D 3 -16.78 9.19 22.94
C LYS D 3 -17.67 7.96 23.04
N ALA D 4 -18.57 7.79 22.08
CA ALA D 4 -19.51 6.69 22.06
C ALA D 4 -19.38 5.88 20.77
N ALA D 5 -19.63 4.59 20.87
CA ALA D 5 -19.55 3.70 19.73
C ALA D 5 -20.79 3.87 18.83
N ARG D 6 -20.71 3.28 17.65
CA ARG D 6 -21.80 3.38 16.67
C ARG D 6 -22.11 2.04 16.02
N SER D 8 -24.31 0.25 12.36
CA SER D 8 -24.54 0.51 10.94
C SER D 8 -25.64 -0.39 10.38
N ALA D 9 -26.01 -0.14 9.13
CA ALA D 9 -26.83 -1.09 8.41
C ALA D 9 -26.06 -2.40 8.26
N PRO D 10 -26.73 -3.55 8.31
CA PRO D 10 -26.02 -4.83 8.39
C PRO D 10 -25.07 -5.03 7.21
N ALA D 11 -23.80 -5.29 7.52
CA ALA D 11 -22.78 -5.56 6.53
C ALA D 11 -22.05 -6.84 6.92
N THR D 12 -22.11 -7.85 6.05
CA THR D 12 -21.58 -9.17 6.34
C THR D 12 -20.33 -9.42 5.51
N GLY D 13 -19.32 -10.01 6.15
CA GLY D 13 -18.07 -10.33 5.48
C GLY D 13 -17.24 -11.37 6.21
N ARG E 2 16.81 -7.30 1.07
CA ARG E 2 16.57 -7.27 -0.37
C ARG E 2 17.41 -6.19 -1.04
N GLN E 3 16.76 -5.40 -1.91
CA GLN E 3 17.44 -4.32 -2.61
C GLN E 3 16.87 -2.95 -2.28
N LEU E 4 15.82 -2.87 -1.45
CA LEU E 4 15.23 -1.61 -1.04
C LEU E 4 15.41 -1.40 0.45
N TRP E 5 15.26 -0.14 0.85
CA TRP E 5 15.28 0.24 2.26
C TRP E 5 13.87 0.32 2.80
N LYS E 6 13.67 -0.16 4.02
CA LYS E 6 12.36 -0.19 4.64
C LYS E 6 12.45 0.34 6.06
N TRP E 7 11.34 0.87 6.55
CA TRP E 7 11.28 1.43 7.89
C TRP E 7 11.55 0.35 8.94
N SER E 8 12.10 0.76 10.08
CA SER E 8 12.39 -0.13 11.19
C SER E 8 12.09 0.59 12.49
N GLY E 9 11.01 0.20 13.15
CA GLY E 9 10.62 0.80 14.41
C GLY E 9 9.31 1.56 14.29
N ASN E 10 8.71 1.82 15.44
CA ASN E 10 7.47 2.57 15.50
C ASN E 10 7.69 4.02 15.05
N PRO E 11 6.72 4.61 14.38
CA PRO E 11 6.88 5.97 13.87
C PRO E 11 6.41 7.04 14.84
N THR E 12 6.16 8.24 14.32
CA THR E 12 5.67 9.40 15.06
C THR E 12 5.01 10.32 14.04
N GLN E 13 4.04 11.11 14.48
CA GLN E 13 3.29 11.99 13.60
C GLN E 13 3.56 13.45 13.94
N ARG E 14 3.74 14.27 12.91
CA ARG E 14 3.99 15.68 13.16
C ARG E 14 3.81 16.46 11.85
N ARG E 15 4.05 17.77 11.95
CA ARG E 15 3.73 18.71 10.89
C ARG E 15 4.87 18.78 9.89
N GLY E 16 4.61 19.48 8.79
CA GLY E 16 5.55 19.52 7.70
C GLY E 16 6.75 20.41 7.99
N MET E 17 7.83 20.14 7.26
CA MET E 17 9.04 20.91 7.39
C MET E 17 9.84 20.87 6.08
N LYS E 20 2.40 22.73 8.39
CA LYS E 20 2.51 22.77 6.93
C LYS E 20 1.73 21.63 6.30
N ALA E 21 2.23 20.41 6.48
CA ALA E 21 1.56 19.22 5.95
C ALA E 21 1.87 18.04 6.85
N ARG E 22 0.98 17.05 6.82
CA ARG E 22 1.10 15.90 7.69
C ARG E 22 2.23 14.99 7.22
N LYS E 23 3.07 14.52 8.16
CA LYS E 23 4.10 13.56 7.80
C LYS E 23 4.17 12.46 8.84
N LEU E 24 4.96 11.41 8.55
CA LEU E 24 5.17 10.29 9.46
C LEU E 24 6.67 10.09 9.63
N PHE E 25 7.23 10.66 10.69
CA PHE E 25 8.67 10.57 10.93
C PHE E 25 9.01 9.23 11.59
N TYR E 26 10.04 8.58 11.08
CA TYR E 26 10.58 7.35 11.66
C TYR E 26 11.95 7.63 12.27
N LYS E 27 12.56 6.59 12.82
CA LYS E 27 13.83 6.73 13.52
C LYS E 27 14.99 6.02 12.84
N ALA E 28 14.74 4.92 12.12
CA ALA E 28 15.83 4.19 11.50
C ALA E 28 15.29 3.37 10.33
N ILE E 29 16.21 2.93 9.47
CA ILE E 29 15.90 2.10 8.31
C ILE E 29 16.81 0.88 8.33
N VAL E 30 16.39 -0.16 7.62
CA VAL E 30 17.14 -1.41 7.55
C VAL E 30 17.08 -1.96 6.12
N ARG E 31 18.09 -2.76 5.78
CA ARG E 31 18.13 -3.44 4.50
C ARG E 31 19.00 -4.68 4.68
N GLY E 32 18.36 -5.85 4.78
CA GLY E 32 19.08 -7.09 4.99
C GLY E 32 19.90 -7.10 6.26
N LYS E 33 21.21 -7.06 6.12
CA LYS E 33 22.11 -7.03 7.27
C LYS E 33 22.52 -5.62 7.68
N GLU E 34 22.22 -4.61 6.87
CA GLU E 34 22.60 -3.24 7.18
C GLU E 34 21.47 -2.51 7.90
N THR E 35 21.85 -1.59 8.78
CA THR E 35 20.89 -0.79 9.52
C THR E 35 21.46 0.62 9.71
N LEU E 36 20.64 1.62 9.39
CA LEU E 36 21.05 3.03 9.49
C LEU E 36 20.08 3.76 10.41
N ARG E 37 20.60 4.27 11.52
CA ARG E 37 19.84 5.10 12.44
C ARG E 37 20.22 6.56 12.26
N ILE E 38 19.39 7.45 12.80
CA ILE E 38 19.63 8.88 12.68
C ILE E 38 20.92 9.25 13.39
N GLY E 39 21.82 9.93 12.68
CA GLY E 39 23.13 10.27 13.17
C GLY E 39 24.26 9.59 12.44
N ASP E 40 24.00 8.45 11.79
CA ASP E 40 25.01 7.76 11.02
C ASP E 40 25.22 8.46 9.68
N CYS E 41 26.42 8.30 9.14
CA CYS E 41 26.78 8.87 7.85
C CYS E 41 26.62 7.84 6.74
N ALA E 42 26.21 8.31 5.57
CA ALA E 42 25.92 7.42 4.45
C ALA E 42 26.45 8.00 3.16
N VAL E 43 27.01 7.11 2.33
CA VAL E 43 27.34 7.42 0.94
C VAL E 43 26.11 7.11 0.10
N PHE E 44 25.78 8.04 -0.80
CA PHE E 44 24.58 7.98 -1.63
C PHE E 44 24.94 7.55 -3.04
N LEU E 45 23.99 7.68 -3.96
CA LEU E 45 24.19 7.48 -5.40
C LEU E 45 24.00 8.83 -6.07
N SER E 46 25.06 9.38 -6.64
CA SER E 46 25.03 10.69 -7.27
C SER E 46 25.06 10.56 -8.78
N ALA E 47 24.56 11.59 -9.47
CA ALA E 47 24.60 11.63 -10.93
C ALA E 47 24.58 13.09 -11.38
N GLY E 48 25.53 13.89 -10.88
CA GLY E 48 25.56 15.30 -11.21
C GLY E 48 26.96 15.85 -11.39
N ARG E 49 27.06 17.17 -11.43
CA ARG E 49 28.36 17.82 -11.65
C ARG E 49 29.39 17.57 -10.55
N PRO E 50 29.04 17.46 -9.26
CA PRO E 50 30.05 17.14 -8.25
C PRO E 50 30.86 15.90 -8.62
N ASN E 51 32.19 16.03 -8.47
CA ASN E 51 33.08 14.99 -8.99
C ASN E 51 33.08 13.76 -8.10
N LEU E 52 33.31 13.94 -6.81
CA LEU E 52 33.43 12.84 -5.87
C LEU E 52 32.06 12.39 -5.39
N PRO E 53 31.94 11.14 -4.92
CA PRO E 53 30.63 10.64 -4.47
C PRO E 53 30.11 11.44 -3.29
N TYR E 54 28.79 11.66 -3.29
CA TYR E 54 28.16 12.46 -2.26
C TYR E 54 28.00 11.67 -0.96
N ILE E 55 28.41 12.27 0.14
CA ILE E 55 28.35 11.66 1.46
C ILE E 55 27.65 12.63 2.39
N GLY E 56 26.78 12.11 3.27
CA GLY E 56 26.04 12.99 4.15
C GLY E 56 25.58 12.31 5.41
N ARG E 57 25.34 13.12 6.43
CA ARG E 57 24.81 12.64 7.70
C ARG E 57 23.29 12.75 7.70
N ILE E 58 22.63 11.68 8.15
CA ILE E 58 21.17 11.63 8.21
C ILE E 58 20.71 12.43 9.43
N GLU E 59 19.86 13.43 9.18
CA GLU E 59 19.32 14.24 10.27
C GLU E 59 17.83 14.00 10.51
N SER E 60 17.10 13.47 9.53
CA SER E 60 15.67 13.20 9.70
C SER E 60 15.24 12.17 8.67
N LEU E 61 14.28 11.34 9.08
CA LEU E 61 13.68 10.28 8.28
C LEU E 61 12.17 10.35 8.39
N TRP E 62 11.49 10.41 7.25
CA TRP E 62 10.04 10.41 7.30
C TRP E 62 9.46 9.86 6.01
N GLU E 63 8.23 9.38 6.11
CA GLU E 63 7.41 9.01 4.97
C GLU E 63 6.26 9.99 4.84
N SER E 64 5.98 10.40 3.61
CA SER E 64 4.88 11.31 3.34
C SER E 64 3.58 10.55 3.20
N TRP E 65 2.58 11.17 2.56
CA TRP E 65 1.29 10.50 2.37
C TRP E 65 1.39 9.39 1.34
N GLY E 66 1.90 9.71 0.15
CA GLY E 66 1.94 8.77 -0.94
C GLY E 66 3.06 7.76 -0.89
N SER E 67 3.42 7.32 0.32
CA SER E 67 4.43 6.28 0.52
C SER E 67 5.79 6.69 -0.04
N ASN E 68 6.11 7.98 0.07
CA ASN E 68 7.39 8.49 -0.40
C ASN E 68 8.37 8.53 0.77
N MET E 69 9.38 7.66 0.72
CA MET E 69 10.39 7.60 1.76
C MET E 69 11.39 8.73 1.55
N VAL E 70 11.38 9.72 2.42
CA VAL E 70 12.22 10.91 2.29
C VAL E 70 13.25 10.91 3.40
N VAL E 71 14.46 11.36 3.05
CA VAL E 71 15.58 11.50 3.97
C VAL E 71 16.13 12.93 3.90
N LYS E 72 16.34 13.53 5.06
CA LYS E 72 16.99 14.83 5.17
C LYS E 72 18.45 14.62 5.52
N VAL E 73 19.33 15.17 4.70
CA VAL E 73 20.76 14.90 4.76
C VAL E 73 21.50 16.22 4.91
N LYS E 74 22.43 16.26 5.84
CA LYS E 74 23.38 17.35 6.00
C LYS E 74 24.67 16.95 5.28
N TRP E 75 25.10 17.76 4.32
CA TRP E 75 26.07 17.31 3.34
C TRP E 75 27.50 17.47 3.82
N PHE E 76 28.30 16.43 3.57
CA PHE E 76 29.75 16.52 3.62
C PHE E 76 30.28 16.94 2.26
N TYR E 77 31.54 17.35 2.23
CA TYR E 77 32.14 17.86 0.99
C TYR E 77 33.55 17.34 0.84
N HIS E 78 33.86 16.80 -0.33
CA HIS E 78 35.22 16.46 -0.71
C HIS E 78 35.97 17.73 -1.12
N PRO E 79 37.30 17.74 -0.99
CA PRO E 79 38.06 18.93 -1.40
C PRO E 79 37.91 19.27 -2.88
N GLU E 80 37.45 18.33 -3.70
CA GLU E 80 37.24 18.61 -5.12
C GLU E 80 35.91 19.32 -5.38
N GLU E 81 34.99 19.32 -4.42
CA GLU E 81 33.68 19.92 -4.61
C GLU E 81 33.63 21.37 -4.15
N THR E 82 34.60 21.82 -3.35
CA THR E 82 34.66 23.20 -2.91
C THR E 82 35.45 24.05 -3.91
N LYS E 83 35.48 25.37 -3.67
CA LYS E 83 36.21 26.26 -4.56
C LYS E 83 37.69 25.95 -4.53
N LEU E 84 38.31 26.02 -3.35
CA LEU E 84 39.69 25.59 -3.20
C LEU E 84 39.79 24.11 -3.49
N GLY E 85 40.57 23.78 -4.52
CA GLY E 85 40.70 22.40 -4.94
C GLY E 85 41.43 21.56 -3.90
N LYS E 86 41.73 20.33 -4.31
CA LYS E 86 42.51 19.45 -3.45
C LYS E 86 43.91 20.03 -3.25
N ARG E 87 44.23 20.34 -2.00
CA ARG E 87 45.57 20.78 -1.61
C ARG E 87 46.43 19.57 -1.28
N GLN E 88 47.71 19.64 -1.65
CA GLN E 88 48.68 18.59 -1.34
C GLN E 88 48.79 18.32 0.15
N SER E 89 48.23 19.19 0.99
CA SER E 89 48.21 18.99 2.43
C SER E 89 46.90 18.39 2.95
N ASP E 90 45.88 18.27 2.10
CA ASP E 90 44.61 17.70 2.51
C ASP E 90 44.78 16.24 2.93
N GLY E 91 44.83 15.34 1.97
CA GLY E 91 44.94 13.93 2.24
C GLY E 91 44.25 13.12 1.16
N LYS E 92 43.89 11.90 1.53
CA LYS E 92 43.25 10.97 0.59
C LYS E 92 41.73 11.09 0.63
N ASN E 93 41.14 10.68 1.75
CA ASN E 93 39.69 10.65 1.89
C ASN E 93 39.25 11.72 2.88
N ALA E 94 39.40 12.97 2.48
CA ALA E 94 39.00 14.11 3.29
C ALA E 94 37.52 14.44 3.06
N LEU E 95 36.84 14.83 4.13
CA LEU E 95 35.46 15.27 4.04
C LEU E 95 35.29 16.56 4.83
N TYR E 96 34.72 17.58 4.20
CA TYR E 96 34.46 18.86 4.86
C TYR E 96 33.00 18.91 5.29
N GLN E 97 32.77 19.08 6.59
CA GLN E 97 31.41 19.15 7.11
C GLN E 97 30.76 20.47 6.72
N SER E 98 29.44 20.50 6.79
CA SER E 98 28.67 21.69 6.46
C SER E 98 27.34 21.65 7.20
N CYS E 99 26.58 22.73 7.07
CA CYS E 99 25.23 22.81 7.62
C CYS E 99 24.21 23.10 6.52
N HIS E 100 24.54 22.78 5.26
CA HIS E 100 23.63 22.94 4.14
C HIS E 100 22.94 21.58 3.91
N GLU E 101 21.72 21.46 4.39
CA GLU E 101 20.97 20.21 4.35
C GLU E 101 19.85 20.30 3.32
N ASP E 102 19.45 19.13 2.82
CA ASP E 102 18.33 19.06 1.89
C ASP E 102 17.76 17.64 1.88
N GLU E 103 16.64 17.49 1.19
CA GLU E 103 15.88 16.24 1.18
C GLU E 103 16.17 15.44 -0.09
N ASN E 104 16.12 14.12 0.06
CA ASN E 104 16.33 13.19 -1.04
C ASN E 104 15.45 11.96 -0.80
N ASP E 105 15.45 11.06 -1.78
CA ASP E 105 14.74 9.79 -1.64
C ASP E 105 15.60 8.81 -0.85
N VAL E 106 14.95 8.08 0.07
CA VAL E 106 15.68 7.14 0.92
C VAL E 106 16.34 6.05 0.08
N GLN E 107 15.71 5.64 -1.01
CA GLN E 107 16.24 4.57 -1.85
C GLN E 107 17.51 4.96 -2.60
N THR E 108 17.93 6.23 -2.52
CA THR E 108 19.15 6.68 -3.16
C THR E 108 20.37 6.57 -2.24
N ILE E 109 20.28 5.79 -1.17
CA ILE E 109 21.37 5.62 -0.22
C ILE E 109 22.16 4.38 -0.61
N SER E 110 23.45 4.57 -0.89
CA SER E 110 24.30 3.44 -1.27
C SER E 110 24.64 2.59 -0.04
N HIS E 111 25.41 3.15 0.90
CA HIS E 111 25.83 2.33 2.03
C HIS E 111 26.33 3.19 3.18
N LYS E 112 26.35 2.59 4.37
CA LYS E 112 26.83 3.27 5.56
C LYS E 112 28.33 3.55 5.47
N CYS E 113 28.75 4.59 6.19
CA CYS E 113 30.16 4.97 6.22
C CYS E 113 30.45 5.67 7.54
N GLN E 114 31.72 5.70 7.89
CA GLN E 114 32.17 6.32 9.13
C GLN E 114 32.97 7.59 8.82
N VAL E 115 32.79 8.60 9.65
CA VAL E 115 33.53 9.87 9.56
C VAL E 115 34.23 10.07 10.89
N VAL E 116 35.55 9.89 10.90
CA VAL E 116 36.32 10.01 12.14
C VAL E 116 37.35 11.12 12.01
N GLY E 117 38.09 11.37 13.07
CA GLY E 117 39.18 12.33 13.00
C GLY E 117 40.36 11.80 12.20
N ARG E 118 41.25 12.72 11.84
CA ARG E 118 42.42 12.35 11.06
C ARG E 118 43.30 11.35 11.82
N GLU E 119 43.44 11.57 13.14
CA GLU E 119 44.21 10.63 13.95
C GLU E 119 43.54 9.25 13.96
N GLN E 120 42.23 9.21 14.22
CA GLN E 120 41.50 7.95 14.15
C GLN E 120 41.55 7.35 12.75
N TYR E 121 41.56 8.20 11.72
CA TYR E 121 41.64 7.70 10.34
C TYR E 121 42.96 6.98 10.11
N GLU E 122 44.07 7.59 10.55
CA GLU E 122 45.37 6.94 10.37
C GLU E 122 45.54 5.74 11.28
N GLN E 123 44.83 5.71 12.41
CA GLN E 123 44.95 4.58 13.33
C GLN E 123 44.17 3.37 12.84
N MET E 124 42.96 3.58 12.31
CA MET E 124 42.10 2.46 11.94
C MET E 124 42.46 1.88 10.58
N MET E 125 42.90 2.71 9.63
CA MET E 125 43.12 2.28 8.25
C MET E 125 44.58 1.97 7.95
N ARG E 126 45.42 1.82 8.99
CA ARG E 126 46.84 1.54 8.76
C ARG E 126 47.10 0.08 8.45
N GLY E 127 46.20 -0.83 8.85
CA GLY E 127 46.43 -2.25 8.69
C GLY E 127 45.97 -2.82 7.38
N ARG E 128 44.72 -2.58 7.01
CA ARG E 128 44.15 -3.15 5.79
C ARG E 128 44.92 -2.67 4.56
N LYS E 129 45.18 -3.61 3.64
CA LYS E 129 45.99 -3.30 2.47
C LYS E 129 45.20 -2.56 1.40
N TYR E 130 43.88 -2.74 1.36
CA TYR E 130 43.05 -2.14 0.31
C TYR E 130 42.50 -0.81 0.81
N GLN E 131 43.24 0.26 0.55
CA GLN E 131 42.78 1.60 0.83
C GLN E 131 41.84 2.07 -0.28
N ASP E 132 41.68 3.39 -0.44
CA ASP E 132 40.80 3.97 -1.45
C ASP E 132 39.36 3.48 -1.27
N GLN E 133 38.99 3.11 -0.05
CA GLN E 133 37.67 2.59 0.22
C GLN E 133 36.63 3.71 0.25
N GLN E 134 35.36 3.32 0.37
CA GLN E 134 34.26 4.27 0.46
C GLN E 134 33.50 4.14 1.77
N ASP E 135 34.09 3.47 2.76
CA ASP E 135 33.42 3.24 4.04
C ASP E 135 34.00 4.07 5.19
N LEU E 136 35.21 4.57 5.07
CA LEU E 136 35.85 5.34 6.15
C LEU E 136 36.41 6.64 5.58
N TYR E 137 36.15 7.74 6.28
CA TYR E 137 36.64 9.05 5.87
C TYR E 137 37.05 9.83 7.11
N TYR E 138 37.83 10.88 6.89
CA TYR E 138 38.30 11.74 7.97
C TYR E 138 37.79 13.16 7.76
N LEU E 139 37.33 13.76 8.86
CA LEU E 139 36.83 15.13 8.83
C LEU E 139 38.00 16.10 8.72
N ALA E 140 37.87 17.07 7.82
CA ALA E 140 38.93 18.03 7.55
C ALA E 140 38.53 19.47 7.84
N GLY E 141 37.31 19.72 8.31
CA GLY E 141 36.90 21.07 8.63
C GLY E 141 35.46 21.38 8.27
N THR E 142 35.18 22.65 8.01
CA THR E 142 33.83 23.11 7.69
C THR E 142 33.88 23.96 6.43
N TYR E 143 32.98 23.66 5.49
CA TYR E 143 32.85 24.43 4.24
C TYR E 143 31.44 24.98 4.15
N ASP E 144 31.33 26.30 3.98
CA ASP E 144 30.03 26.95 3.83
C ASP E 144 29.80 27.23 2.36
N PRO E 145 28.97 26.45 1.66
CA PRO E 145 28.79 26.68 0.21
C PRO E 145 28.21 28.05 -0.12
N THR E 146 27.44 28.64 0.79
CA THR E 146 26.91 29.98 0.54
C THR E 146 28.03 31.01 0.52
N THR E 147 28.84 31.05 1.58
CA THR E 147 29.93 32.01 1.65
C THR E 147 31.17 31.54 0.90
N GLY E 148 31.42 30.23 0.89
CA GLY E 148 32.63 29.70 0.28
C GLY E 148 33.81 29.56 1.22
N ARG E 149 33.59 29.71 2.53
CA ARG E 149 34.67 29.68 3.50
C ARG E 149 34.94 28.25 3.97
N LEU E 150 36.22 27.93 4.14
CA LEU E 150 36.67 26.64 4.64
C LEU E 150 37.55 26.84 5.86
N VAL E 151 37.31 26.00 6.88
CA VAL E 151 38.16 25.96 8.07
C VAL E 151 38.61 24.53 8.29
N THR E 152 39.79 24.38 8.90
CA THR E 152 40.38 23.07 9.11
C THR E 152 39.70 22.39 10.30
N ALA E 153 40.26 21.24 10.72
CA ALA E 153 39.75 20.56 11.90
C ALA E 153 40.17 21.24 13.20
N ASP E 154 40.88 22.36 13.12
CA ASP E 154 41.31 23.11 14.29
C ASP E 154 40.81 24.55 14.30
N GLY E 155 40.07 24.96 13.27
CA GLY E 155 39.54 26.31 13.21
C GLY E 155 40.47 27.28 12.51
N VAL E 156 41.14 26.83 11.45
CA VAL E 156 42.10 27.63 10.71
C VAL E 156 41.50 27.93 9.34
N PRO E 157 41.08 29.17 9.07
CA PRO E 157 40.63 29.51 7.72
C PRO E 157 41.75 29.34 6.71
N VAL E 158 41.37 29.09 5.46
CA VAL E 158 42.35 28.82 4.40
C VAL E 158 42.37 29.97 3.41
N LEU E 159 43.09 29.79 2.31
CA LEU E 159 43.20 30.80 1.27
C LEU E 159 43.42 30.17 -0.09
N ARG F 2 -6.34 53.21 -11.04
CA ARG F 2 -5.29 53.66 -10.15
C ARG F 2 -3.94 53.07 -10.54
N GLN F 3 -3.00 53.03 -9.58
CA GLN F 3 -1.67 52.49 -9.81
C GLN F 3 -1.41 51.19 -9.07
N LEU F 4 -2.14 50.91 -8.00
CA LEU F 4 -1.96 49.67 -7.26
C LEU F 4 -2.89 48.58 -7.81
N TRP F 5 -2.68 47.36 -7.33
CA TRP F 5 -3.49 46.22 -7.72
C TRP F 5 -4.62 46.03 -6.72
N LYS F 6 -5.85 46.01 -7.22
CA LYS F 6 -7.04 45.92 -6.38
C LYS F 6 -7.80 44.63 -6.68
N TRP F 7 -8.45 44.10 -5.65
CA TRP F 7 -9.27 42.91 -5.81
C TRP F 7 -10.43 43.18 -6.77
N SER F 8 -10.87 42.12 -7.45
CA SER F 8 -12.01 42.20 -8.36
C SER F 8 -12.85 40.92 -8.21
N GLY F 9 -13.36 40.69 -7.01
CA GLY F 9 -14.18 39.52 -6.75
C GLY F 9 -14.47 39.32 -5.28
N ASN F 10 -15.45 38.47 -4.98
CA ASN F 10 -15.81 38.16 -3.60
C ASN F 10 -14.93 37.02 -3.08
N PRO F 11 -14.39 37.14 -1.87
CA PRO F 11 -13.51 36.09 -1.34
C PRO F 11 -14.26 34.80 -1.08
N THR F 12 -13.49 33.75 -0.84
CA THR F 12 -14.03 32.42 -0.57
C THR F 12 -13.26 31.81 0.60
N GLN F 13 -13.65 30.59 0.97
CA GLN F 13 -13.03 29.84 2.06
C GLN F 13 -13.06 30.63 3.37
N GLY F 19 -13.21 24.17 7.23
CA GLY F 19 -12.27 25.12 7.80
C GLY F 19 -12.69 26.56 7.59
N LYS F 20 -12.41 27.40 8.61
CA LYS F 20 -12.82 28.80 8.55
C LYS F 20 -11.87 29.70 9.33
N ALA F 21 -10.62 29.29 9.53
CA ALA F 21 -9.77 29.96 10.51
C ALA F 21 -9.16 31.25 9.93
N ARG F 22 -8.36 31.14 8.89
CA ARG F 22 -7.57 32.29 8.48
C ARG F 22 -7.51 32.35 6.96
N LYS F 23 -7.14 33.55 6.47
CA LYS F 23 -6.83 33.82 5.07
C LYS F 23 -8.07 33.82 4.19
N LEU F 24 -8.25 34.88 3.39
CA LEU F 24 -9.35 35.01 2.45
C LEU F 24 -8.79 34.89 1.04
N PHE F 25 -9.33 33.95 0.26
CA PHE F 25 -8.86 33.67 -1.09
C PHE F 25 -9.73 34.38 -2.12
N TYR F 26 -9.08 34.99 -3.10
CA TYR F 26 -9.73 35.70 -4.20
C TYR F 26 -9.45 34.98 -5.50
N LYS F 27 -10.11 35.44 -6.57
CA LYS F 27 -10.02 34.81 -7.87
C LYS F 27 -9.36 35.67 -8.94
N ALA F 28 -9.48 37.00 -8.85
CA ALA F 28 -8.92 37.87 -9.87
C ALA F 28 -8.68 39.25 -9.29
N ILE F 29 -7.77 39.99 -9.93
CA ILE F 29 -7.44 41.35 -9.55
C ILE F 29 -7.47 42.24 -10.80
N VAL F 30 -7.46 43.55 -10.57
CA VAL F 30 -7.50 44.52 -11.66
C VAL F 30 -6.63 45.72 -11.30
N ARG F 31 -6.05 46.33 -12.33
CA ARG F 31 -5.33 47.60 -12.22
C ARG F 31 -5.77 48.43 -13.42
N GLY F 32 -6.63 49.42 -13.18
CA GLY F 32 -7.16 50.19 -14.28
C GLY F 32 -7.96 49.30 -15.22
N LYS F 33 -7.60 49.34 -16.50
CA LYS F 33 -8.23 48.50 -17.52
C LYS F 33 -7.45 47.21 -17.76
N GLU F 34 -6.54 46.84 -16.86
CA GLU F 34 -5.73 45.63 -16.99
C GLU F 34 -6.20 44.62 -15.95
N THR F 35 -6.88 43.57 -16.42
CA THR F 35 -7.40 42.53 -15.55
C THR F 35 -6.46 41.33 -15.53
N LEU F 36 -6.26 40.76 -14.34
CA LEU F 36 -5.46 39.56 -14.16
C LEU F 36 -6.30 38.52 -13.45
N ARG F 37 -6.26 37.28 -13.95
CA ARG F 37 -7.00 36.18 -13.36
C ARG F 37 -6.08 34.99 -13.15
N ILE F 38 -6.53 34.07 -12.31
CA ILE F 38 -5.74 32.89 -12.01
C ILE F 38 -5.60 32.04 -13.27
N GLY F 39 -4.36 31.73 -13.65
CA GLY F 39 -4.04 31.04 -14.88
C GLY F 39 -3.25 31.89 -15.85
N ASP F 40 -3.40 33.21 -15.77
CA ASP F 40 -2.61 34.11 -16.60
C ASP F 40 -1.18 34.20 -16.06
N CYS F 41 -0.29 34.70 -16.89
CA CYS F 41 1.12 34.87 -16.56
C CYS F 41 1.45 36.35 -16.44
N ALA F 42 2.29 36.69 -15.47
CA ALA F 42 2.60 38.06 -15.14
C ALA F 42 4.10 38.25 -15.00
N VAL F 43 4.53 39.47 -15.33
CA VAL F 43 5.92 39.92 -15.19
C VAL F 43 6.08 40.55 -13.82
N PHE F 44 7.21 40.29 -13.16
CA PHE F 44 7.49 40.79 -11.83
C PHE F 44 8.61 41.82 -11.88
N LEU F 45 9.03 42.27 -10.71
CA LEU F 45 10.05 43.31 -10.57
C LEU F 45 11.27 42.76 -9.85
N SER F 46 12.44 43.22 -10.27
CA SER F 46 13.72 42.80 -9.69
C SER F 46 13.89 41.29 -9.72
N ASN F 51 18.20 42.12 -13.55
CA ASN F 51 17.37 43.05 -14.32
C ASN F 51 16.58 42.31 -15.38
N LEU F 52 16.71 40.99 -15.39
CA LEU F 52 15.92 40.17 -16.32
C LEU F 52 14.54 39.92 -15.72
N PRO F 53 13.47 40.07 -16.51
CA PRO F 53 12.11 40.06 -15.95
C PRO F 53 11.73 38.70 -15.36
N TYR F 54 11.33 38.70 -14.09
CA TYR F 54 10.74 37.52 -13.49
C TYR F 54 9.34 37.32 -14.06
N ILE F 55 9.03 36.09 -14.44
CA ILE F 55 7.74 35.75 -15.05
C ILE F 55 7.16 34.57 -14.29
N GLY F 56 5.88 34.64 -13.98
CA GLY F 56 5.25 33.60 -13.20
C GLY F 56 3.79 33.47 -13.54
N ARG F 57 3.32 32.23 -13.53
CA ARG F 57 1.90 31.94 -13.69
C ARG F 57 1.23 31.91 -12.32
N ILE F 58 0.13 32.65 -12.20
CA ILE F 58 -0.57 32.75 -10.93
C ILE F 58 -1.30 31.45 -10.63
N GLU F 59 -1.26 31.01 -9.36
CA GLU F 59 -2.00 29.84 -8.93
C GLU F 59 -2.95 30.11 -7.77
N SER F 60 -2.62 31.03 -6.87
CA SER F 60 -3.47 31.33 -5.73
C SER F 60 -3.30 32.80 -5.34
N LEU F 61 -4.39 33.41 -4.92
CA LEU F 61 -4.40 34.79 -4.44
C LEU F 61 -5.14 34.83 -3.12
N TRP F 62 -4.52 35.41 -2.09
CA TRP F 62 -5.18 35.50 -0.80
C TRP F 62 -4.62 36.65 0.00
N GLU F 63 -5.38 37.06 1.01
CA GLU F 63 -4.96 38.08 1.96
C GLU F 63 -4.58 37.40 3.28
N SER F 64 -3.41 37.78 3.81
CA SER F 64 -2.82 37.07 4.94
C SER F 64 -3.43 37.58 6.26
N TRP F 65 -2.88 37.09 7.37
CA TRP F 65 -3.33 37.53 8.69
C TRP F 65 -2.94 38.97 8.96
N GLY F 66 -1.78 39.40 8.47
CA GLY F 66 -1.33 40.77 8.66
C GLY F 66 -1.89 41.73 7.64
N SER F 67 -2.95 41.32 6.94
CA SER F 67 -3.62 42.13 5.93
C SER F 67 -2.63 42.56 4.82
N ASN F 68 -2.19 41.55 4.07
CA ASN F 68 -1.29 41.75 2.95
C ASN F 68 -1.76 40.91 1.77
N MET F 69 -1.74 41.52 0.59
CA MET F 69 -2.14 40.83 -0.63
C MET F 69 -1.02 39.89 -1.07
N VAL F 70 -1.27 38.59 -0.98
CA VAL F 70 -0.27 37.57 -1.32
C VAL F 70 -0.68 36.90 -2.63
N VAL F 71 0.32 36.54 -3.42
CA VAL F 71 0.13 35.83 -4.68
C VAL F 71 1.09 34.66 -4.73
N LYS F 72 0.55 33.47 -4.96
CA LYS F 72 1.36 32.27 -5.17
C LYS F 72 1.62 32.10 -6.66
N VAL F 73 2.89 32.00 -7.04
CA VAL F 73 3.27 31.97 -8.43
C VAL F 73 4.12 30.73 -8.70
N LYS F 74 3.77 30.02 -9.77
CA LYS F 74 4.60 28.96 -10.34
C LYS F 74 5.50 29.62 -11.39
N TRP F 75 6.81 29.54 -11.17
CA TRP F 75 7.75 30.37 -11.91
C TRP F 75 7.95 29.86 -13.33
N PHE F 76 8.46 30.75 -14.18
CA PHE F 76 8.97 30.42 -15.50
C PHE F 76 10.44 30.78 -15.53
N TYR F 77 11.24 29.96 -16.21
CA TYR F 77 12.68 30.17 -16.23
C TYR F 77 13.14 30.63 -17.61
N HIS F 78 14.10 31.54 -17.64
CA HIS F 78 14.70 31.95 -18.89
C HIS F 78 15.84 31.01 -19.26
N PRO F 79 16.17 30.90 -20.55
CA PRO F 79 17.25 30.00 -20.96
C PRO F 79 18.56 30.26 -20.24
N GLU F 80 18.85 31.52 -19.89
CA GLU F 80 20.09 31.81 -19.18
C GLU F 80 20.03 31.39 -17.72
N GLU F 81 18.83 31.26 -17.14
CA GLU F 81 18.67 30.88 -15.75
C GLU F 81 18.74 29.38 -15.52
N THR F 82 19.05 28.60 -16.55
CA THR F 82 19.13 27.16 -16.44
C THR F 82 20.59 26.74 -16.27
N LYS F 83 20.84 25.42 -16.32
CA LYS F 83 22.20 24.93 -16.28
C LYS F 83 22.94 25.16 -17.59
N LEU F 84 22.22 25.30 -18.69
CA LEU F 84 22.78 25.62 -19.99
C LEU F 84 22.17 26.92 -20.49
N GLY F 85 23.03 27.87 -20.85
CA GLY F 85 22.57 29.20 -21.23
C GLY F 85 21.88 29.25 -22.58
N LYS F 86 21.78 30.46 -23.14
CA LYS F 86 21.13 30.67 -24.43
C LYS F 86 21.86 29.92 -25.54
N ARG F 87 21.46 28.67 -25.79
CA ARG F 87 22.13 27.82 -26.77
C ARG F 87 21.09 27.19 -27.70
N GLN F 88 21.60 26.51 -28.72
CA GLN F 88 20.78 25.81 -29.71
C GLN F 88 19.81 26.74 -30.42
N SER F 89 20.16 28.02 -30.52
CA SER F 89 19.31 29.04 -31.14
C SER F 89 17.91 29.02 -30.53
N ASP F 90 17.88 29.21 -29.21
CA ASP F 90 16.61 29.11 -28.47
C ASP F 90 15.61 30.17 -28.94
N GLY F 91 16.09 31.36 -29.25
CA GLY F 91 15.23 32.46 -29.65
C GLY F 91 15.17 33.55 -28.58
N LYS F 92 14.49 34.63 -28.95
CA LYS F 92 14.40 35.81 -28.10
C LYS F 92 13.65 35.53 -26.80
N ASN F 93 12.32 35.46 -26.88
CA ASN F 93 11.47 35.37 -25.69
C ASN F 93 11.10 33.92 -25.41
N ALA F 94 12.10 33.16 -24.98
CA ALA F 94 11.91 31.76 -24.64
C ALA F 94 11.67 31.61 -23.15
N LEU F 95 10.71 30.76 -22.78
CA LEU F 95 10.37 30.51 -21.39
C LEU F 95 10.20 29.02 -21.18
N TYR F 96 10.93 28.47 -20.21
CA TYR F 96 10.79 27.08 -19.80
C TYR F 96 9.82 27.01 -18.62
N GLN F 97 8.82 26.16 -18.75
CA GLN F 97 7.85 25.97 -17.68
C GLN F 97 8.48 25.22 -16.52
N SER F 98 8.11 25.60 -15.30
CA SER F 98 8.62 24.96 -14.10
C SER F 98 7.48 24.69 -13.14
N CYS F 99 7.71 23.74 -12.23
CA CYS F 99 6.74 23.41 -11.20
C CYS F 99 7.15 23.92 -9.82
N HIS F 100 8.34 24.52 -9.70
CA HIS F 100 8.76 25.12 -8.45
C HIS F 100 8.05 26.45 -8.27
N GLU F 101 7.24 26.56 -7.21
CA GLU F 101 6.42 27.72 -6.96
C GLU F 101 6.74 28.31 -5.60
N ASP F 102 6.39 29.59 -5.43
CA ASP F 102 6.52 30.23 -4.13
C ASP F 102 5.59 31.44 -4.07
N GLU F 103 5.54 32.05 -2.88
CA GLU F 103 4.60 33.12 -2.59
C GLU F 103 5.34 34.46 -2.54
N ASN F 104 4.67 35.51 -3.01
CA ASN F 104 5.21 36.86 -2.99
C ASN F 104 4.07 37.84 -2.71
N ASP F 105 4.40 39.12 -2.68
CA ASP F 105 3.38 40.15 -2.52
C ASP F 105 2.76 40.47 -3.88
N VAL F 106 1.49 40.85 -3.85
CA VAL F 106 0.79 41.18 -5.10
C VAL F 106 1.32 42.48 -5.67
N GLN F 107 1.77 43.41 -4.82
CA GLN F 107 2.17 44.74 -5.27
C GLN F 107 3.49 44.74 -6.05
N THR F 108 4.11 43.58 -6.29
CA THR F 108 5.32 43.51 -7.09
C THR F 108 5.05 43.02 -8.52
N ILE F 109 3.78 42.86 -8.89
CA ILE F 109 3.43 42.45 -10.24
C ILE F 109 3.50 43.66 -11.16
N SER F 110 4.20 43.50 -12.29
CA SER F 110 4.35 44.59 -13.25
C SER F 110 3.15 44.66 -14.19
N HIS F 111 3.13 43.79 -15.20
CA HIS F 111 2.06 43.77 -16.18
C HIS F 111 1.75 42.33 -16.57
N LYS F 112 0.84 42.16 -17.52
CA LYS F 112 0.39 40.85 -17.96
C LYS F 112 1.11 40.45 -19.24
N CYS F 113 1.53 39.19 -19.30
CA CYS F 113 2.21 38.64 -20.47
C CYS F 113 1.50 37.37 -20.92
N GLN F 114 1.71 37.02 -22.18
CA GLN F 114 1.10 35.84 -22.79
C GLN F 114 2.19 34.82 -23.10
N VAL F 115 1.89 33.55 -22.86
CA VAL F 115 2.80 32.44 -23.13
C VAL F 115 2.08 31.49 -24.08
N VAL F 116 2.54 31.43 -25.33
CA VAL F 116 1.93 30.59 -26.35
C VAL F 116 2.99 29.65 -26.93
N GLY F 117 2.63 28.97 -28.02
CA GLY F 117 3.57 28.09 -28.68
C GLY F 117 4.53 28.84 -29.58
N ARG F 118 5.59 28.14 -29.99
CA ARG F 118 6.62 28.77 -30.83
C ARG F 118 6.08 29.12 -32.20
N GLU F 119 5.40 28.17 -32.86
CA GLU F 119 4.81 28.45 -34.16
C GLU F 119 3.78 29.58 -34.06
N GLN F 120 2.97 29.55 -33.00
CA GLN F 120 2.04 30.65 -32.75
C GLN F 120 2.78 31.96 -32.54
N TYR F 121 3.85 31.92 -31.73
CA TYR F 121 4.64 33.13 -31.47
C TYR F 121 5.15 33.74 -32.76
N GLU F 122 5.71 32.91 -33.65
CA GLU F 122 6.25 33.43 -34.91
C GLU F 122 5.13 33.91 -35.83
N GLN F 123 4.05 33.15 -35.96
CA GLN F 123 2.98 33.52 -36.88
C GLN F 123 2.20 34.74 -36.41
N MET F 124 2.24 35.07 -35.11
CA MET F 124 1.54 36.23 -34.61
C MET F 124 2.45 37.42 -34.36
N MET F 125 3.76 37.23 -34.29
CA MET F 125 4.70 38.34 -34.12
C MET F 125 5.50 38.60 -35.39
N ARG F 126 5.07 38.04 -36.53
CA ARG F 126 5.80 38.28 -37.77
C ARG F 126 5.51 39.67 -38.33
N GLY F 127 4.34 40.23 -38.03
CA GLY F 127 3.96 41.53 -38.55
C GLY F 127 4.45 42.69 -37.71
N ARG F 128 4.62 42.47 -36.41
CA ARG F 128 5.07 43.52 -35.51
C ARG F 128 6.51 43.89 -35.80
N LYS F 129 6.78 45.20 -35.83
CA LYS F 129 8.11 45.72 -36.13
C LYS F 129 8.89 46.11 -34.89
N TYR F 130 8.25 46.19 -33.73
CA TYR F 130 8.93 46.54 -32.48
C TYR F 130 9.12 45.25 -31.68
N GLN F 131 10.26 44.59 -31.88
CA GLN F 131 10.54 43.32 -31.25
C GLN F 131 11.02 43.51 -29.81
N ASP F 132 11.65 42.48 -29.25
CA ASP F 132 12.15 42.47 -27.87
C ASP F 132 11.04 42.68 -26.86
N GLN F 133 9.79 42.49 -27.26
CA GLN F 133 8.65 42.85 -26.42
C GLN F 133 8.58 41.96 -25.19
N GLN F 134 8.19 42.57 -24.07
CA GLN F 134 7.98 41.86 -22.81
C GLN F 134 6.53 41.43 -22.62
N ASP F 135 5.70 41.55 -23.65
CA ASP F 135 4.29 41.17 -23.56
C ASP F 135 4.00 39.77 -24.07
N LEU F 136 4.81 39.27 -25.02
CA LEU F 136 4.58 37.97 -25.63
C LEU F 136 5.79 37.08 -25.43
N TYR F 137 5.55 35.84 -25.04
CA TYR F 137 6.60 34.85 -24.86
C TYR F 137 6.12 33.51 -25.40
N TYR F 138 7.07 32.66 -25.77
CA TYR F 138 6.76 31.32 -26.27
C TYR F 138 7.32 30.27 -25.31
N LEU F 139 6.59 29.16 -25.20
CA LEU F 139 6.97 28.09 -24.29
C LEU F 139 8.02 27.19 -24.92
N ALA F 140 9.14 27.01 -24.21
CA ALA F 140 10.23 26.17 -24.70
C ALA F 140 10.19 24.75 -24.16
N GLY F 141 9.68 24.55 -22.96
CA GLY F 141 9.59 23.21 -22.39
C GLY F 141 9.47 23.27 -20.88
N THR F 142 9.94 22.20 -20.25
CA THR F 142 9.86 22.03 -18.81
C THR F 142 11.28 22.05 -18.21
N TYR F 143 11.41 22.72 -17.06
CA TYR F 143 12.68 22.83 -16.35
C TYR F 143 12.47 22.54 -14.88
N ASP F 144 13.36 21.75 -14.30
CA ASP F 144 13.30 21.38 -12.89
C ASP F 144 14.55 21.90 -12.18
N PRO F 145 14.43 22.95 -11.35
CA PRO F 145 15.65 23.50 -10.72
C PRO F 145 16.31 22.56 -9.73
N THR F 146 15.55 21.64 -9.12
CA THR F 146 16.14 20.73 -8.15
C THR F 146 17.09 19.74 -8.81
N THR F 147 16.68 19.18 -9.96
CA THR F 147 17.50 18.22 -10.67
C THR F 147 18.27 18.82 -11.83
N GLY F 148 17.88 19.99 -12.32
CA GLY F 148 18.50 20.61 -13.47
C GLY F 148 18.08 20.05 -14.81
N ARG F 149 17.33 18.95 -14.82
CA ARG F 149 16.92 18.35 -16.08
C ARG F 149 15.82 19.18 -16.73
N LEU F 150 15.98 19.46 -18.03
CA LEU F 150 15.00 20.22 -18.79
C LEU F 150 14.71 19.51 -20.10
N VAL F 151 13.43 19.47 -20.47
CA VAL F 151 12.97 18.86 -21.71
C VAL F 151 12.32 19.93 -22.57
N THR F 152 12.34 19.72 -23.89
CA THR F 152 11.83 20.70 -24.82
C THR F 152 10.30 20.64 -24.87
N ALA F 153 9.71 21.54 -25.67
CA ALA F 153 8.25 21.61 -25.77
C ALA F 153 7.65 20.34 -26.36
N ASP F 154 8.42 19.57 -27.14
CA ASP F 154 7.95 18.31 -27.68
C ASP F 154 8.32 17.12 -26.81
N GLY F 155 9.08 17.33 -25.75
CA GLY F 155 9.44 16.27 -24.83
C GLY F 155 10.80 15.65 -25.04
N VAL F 156 11.69 16.30 -25.78
CA VAL F 156 13.03 15.77 -26.04
C VAL F 156 13.96 16.33 -24.98
N PRO F 157 14.55 15.50 -24.13
CA PRO F 157 15.53 16.00 -23.14
C PRO F 157 16.75 16.57 -23.81
N VAL F 158 17.58 17.22 -23.01
CA VAL F 158 18.78 17.89 -23.52
C VAL F 158 20.03 17.15 -23.02
N LEU F 159 21.20 17.70 -23.33
CA LEU F 159 22.46 17.11 -22.90
C LEU F 159 23.54 18.17 -22.75
N LEU G 4 44.10 30.60 35.35
CA LEU G 4 43.74 31.16 34.05
C LEU G 4 44.01 30.16 32.92
N TRP G 5 43.40 30.40 31.76
CA TRP G 5 43.61 29.58 30.59
C TRP G 5 44.80 30.09 29.78
N LYS G 6 45.64 29.17 29.34
CA LYS G 6 46.80 29.50 28.54
C LYS G 6 46.95 28.46 27.44
N TRP G 7 47.66 28.84 26.37
CA TRP G 7 47.88 27.94 25.24
C TRP G 7 48.70 26.74 25.68
N SER G 8 48.47 25.62 25.00
CA SER G 8 49.15 24.36 25.32
C SER G 8 49.57 23.66 24.03
N GLY G 9 50.17 24.42 23.12
CA GLY G 9 50.63 23.85 21.87
C GLY G 9 51.27 24.93 21.02
N ASN G 10 51.91 24.47 19.93
CA ASN G 10 52.55 25.40 19.01
C ASN G 10 51.49 26.09 18.15
N PRO G 11 51.66 27.38 17.85
CA PRO G 11 50.63 28.12 17.11
C PRO G 11 50.61 27.83 15.63
N THR G 12 49.77 28.58 14.91
CA THR G 12 49.62 28.46 13.47
C THR G 12 49.30 29.85 12.92
N GLN G 13 50.00 30.24 11.86
CA GLN G 13 49.92 31.58 11.33
C GLN G 13 48.90 31.66 10.20
N ARG G 14 48.49 32.89 9.90
CA ARG G 14 47.55 33.15 8.83
C ARG G 14 47.57 34.65 8.54
N ARG G 15 47.63 34.99 7.25
CA ARG G 15 47.64 36.38 6.80
C ARG G 15 48.78 37.18 7.43
N ARG G 22 46.75 37.27 10.57
CA ARG G 22 46.42 38.38 11.46
C ARG G 22 46.26 37.87 12.89
N LYS G 23 46.10 36.56 13.03
CA LYS G 23 45.88 35.91 14.32
C LYS G 23 46.87 34.76 14.48
N LEU G 24 46.80 34.10 15.64
CA LEU G 24 47.65 32.96 15.96
C LEU G 24 46.76 31.83 16.47
N PHE G 25 46.44 30.89 15.58
CA PHE G 25 45.51 29.82 15.93
C PHE G 25 46.22 28.73 16.73
N TYR G 26 45.49 28.17 17.70
CA TYR G 26 46.03 27.13 18.57
C TYR G 26 45.11 25.92 18.55
N LYS G 27 45.65 24.80 19.02
CA LYS G 27 44.90 23.54 19.06
C LYS G 27 44.23 23.30 20.41
N ALA G 28 44.84 23.76 21.51
CA ALA G 28 44.32 23.43 22.83
C ALA G 28 44.72 24.52 23.82
N ILE G 29 44.03 24.50 24.97
CA ILE G 29 44.33 25.38 26.09
C ILE G 29 44.40 24.51 27.35
N VAL G 30 45.11 25.02 28.35
CA VAL G 30 45.36 24.28 29.58
C VAL G 30 45.16 25.19 30.78
N ARG G 31 44.63 24.63 31.86
CA ARG G 31 44.49 25.36 33.12
C ARG G 31 44.58 24.34 34.26
N GLY G 32 45.67 24.42 35.02
CA GLY G 32 45.89 23.50 36.13
C GLY G 32 45.90 22.04 35.72
N LYS G 33 44.89 21.30 36.16
CA LYS G 33 44.77 19.89 35.82
C LYS G 33 43.89 19.63 34.60
N GLU G 34 43.24 20.65 34.07
CA GLU G 34 42.33 20.48 32.94
C GLU G 34 42.97 20.96 31.65
N THR G 35 42.57 20.33 30.54
CA THR G 35 43.09 20.65 29.22
C THR G 35 41.95 20.54 28.21
N LEU G 36 41.54 21.67 27.66
CA LEU G 36 40.51 21.70 26.63
C LEU G 36 41.15 21.67 25.25
N ARG G 37 40.49 20.98 24.32
CA ARG G 37 40.97 20.85 22.96
C ARG G 37 39.88 21.25 21.97
N ILE G 38 40.27 21.44 20.72
CA ILE G 38 39.32 21.80 19.67
C ILE G 38 38.32 20.66 19.49
N GLY G 39 37.04 20.97 19.65
CA GLY G 39 35.98 20.00 19.51
C GLY G 39 35.28 19.64 20.81
N ASP G 40 35.92 19.86 21.95
CA ASP G 40 35.32 19.54 23.23
C ASP G 40 34.24 20.56 23.59
N CYS G 41 33.35 20.16 24.48
CA CYS G 41 32.30 21.05 24.97
C CYS G 41 32.74 21.71 26.26
N ALA G 42 32.24 22.93 26.48
CA ALA G 42 32.64 23.71 27.64
C ALA G 42 31.48 24.59 28.12
N VAL G 43 31.33 24.66 29.44
CA VAL G 43 30.39 25.58 30.06
C VAL G 43 31.02 26.96 30.12
N PHE G 44 30.21 28.00 29.97
CA PHE G 44 30.70 29.37 29.92
C PHE G 44 30.06 30.21 31.02
N LEU G 45 30.81 31.22 31.46
CA LEU G 45 30.29 32.21 32.40
C LEU G 45 29.55 33.29 31.64
N SER G 46 28.37 33.66 32.15
CA SER G 46 27.51 34.62 31.46
C SER G 46 26.75 35.45 32.47
N ALA G 47 26.70 36.76 32.24
CA ALA G 47 25.86 37.65 33.02
C ALA G 47 24.48 37.84 32.41
N GLY G 48 24.29 37.41 31.16
CA GLY G 48 22.99 37.52 30.52
C GLY G 48 22.18 36.24 30.67
N ARG G 49 20.87 36.38 30.44
CA ARG G 49 19.95 35.26 30.56
C ARG G 49 20.13 34.27 29.41
N PRO G 53 23.20 28.83 32.35
CA PRO G 53 24.62 28.76 32.00
C PRO G 53 24.84 28.42 30.53
N TYR G 54 25.42 29.35 29.78
CA TYR G 54 25.66 29.13 28.37
C TYR G 54 26.76 28.09 28.15
N ILE G 55 26.50 27.16 27.23
CA ILE G 55 27.41 26.06 26.94
C ILE G 55 27.70 26.07 25.45
N GLY G 56 28.93 25.72 25.08
CA GLY G 56 29.31 25.74 23.68
C GLY G 56 30.30 24.65 23.35
N ARG G 57 30.61 24.56 22.06
CA ARG G 57 31.66 23.69 21.55
C ARG G 57 32.72 24.55 20.90
N ILE G 58 33.97 24.36 21.31
CA ILE G 58 35.08 25.18 20.82
C ILE G 58 35.34 24.81 19.37
N GLU G 59 35.00 25.71 18.44
CA GLU G 59 35.24 25.47 17.03
C GLU G 59 36.59 26.03 16.58
N SER G 60 37.00 27.16 17.15
CA SER G 60 38.26 27.79 16.78
C SER G 60 38.87 28.47 17.98
N LEU G 61 40.20 28.58 17.98
CA LEU G 61 40.96 29.22 19.05
C LEU G 61 42.08 30.03 18.43
N TRP G 62 42.20 31.29 18.81
CA TRP G 62 43.25 32.15 18.31
C TRP G 62 43.55 33.24 19.32
N GLU G 63 44.53 34.09 18.99
CA GLU G 63 44.90 35.24 19.79
C GLU G 63 45.09 36.42 18.85
N SER G 64 44.34 37.49 19.08
CA SER G 64 44.36 38.65 18.20
C SER G 64 45.64 39.46 18.45
N TRP G 65 45.76 40.60 17.77
CA TRP G 65 46.94 41.44 17.92
C TRP G 65 46.98 42.20 19.24
N GLY G 66 45.83 42.36 19.89
CA GLY G 66 45.79 43.01 21.19
C GLY G 66 45.95 42.03 22.33
N SER G 67 46.54 40.86 22.02
CA SER G 67 46.74 39.80 23.00
C SER G 67 45.41 39.34 23.63
N ASN G 68 44.36 39.35 22.82
CA ASN G 68 43.04 38.92 23.26
C ASN G 68 42.85 37.46 22.90
N MET G 69 42.91 36.58 23.90
CA MET G 69 42.63 35.17 23.70
C MET G 69 41.15 35.01 23.36
N VAL G 70 40.85 34.85 22.08
CA VAL G 70 39.48 34.77 21.59
C VAL G 70 39.19 33.34 21.17
N VAL G 71 38.06 32.81 21.62
CA VAL G 71 37.59 31.48 21.25
C VAL G 71 36.26 31.61 20.53
N LYS G 72 36.15 30.98 19.38
CA LYS G 72 34.88 30.88 18.68
C LYS G 72 34.19 29.60 19.11
N VAL G 73 32.91 29.71 19.48
CA VAL G 73 32.16 28.60 20.01
C VAL G 73 30.83 28.48 19.26
N LYS G 74 30.47 27.24 18.93
CA LYS G 74 29.13 26.92 18.43
C LYS G 74 28.23 26.68 19.64
N TRP G 75 27.14 27.44 19.72
CA TRP G 75 26.34 27.47 20.93
C TRP G 75 25.41 26.27 21.04
N PHE G 76 25.24 25.79 22.26
CA PHE G 76 24.14 24.91 22.63
C PHE G 76 23.01 25.74 23.21
N TYR G 77 21.84 25.12 23.32
CA TYR G 77 20.67 25.83 23.81
C TYR G 77 19.86 24.94 24.75
N HIS G 78 19.35 25.54 25.82
CA HIS G 78 18.47 24.94 26.82
C HIS G 78 17.02 25.16 26.42
N PRO G 79 16.13 24.24 26.81
CA PRO G 79 14.70 24.42 26.47
C PRO G 79 14.12 25.72 26.99
N GLU G 80 14.63 26.24 28.11
CA GLU G 80 14.14 27.52 28.62
C GLU G 80 14.58 28.70 27.77
N GLU G 81 15.55 28.51 26.87
CA GLU G 81 16.06 29.59 26.04
C GLU G 81 15.50 29.58 24.62
N THR G 82 14.82 28.51 24.22
CA THR G 82 14.25 28.43 22.89
C THR G 82 12.95 29.22 22.83
N LYS G 83 12.31 29.22 21.67
CA LYS G 83 11.00 29.88 21.54
C LYS G 83 9.97 29.21 22.42
N LEU G 84 9.99 27.88 22.51
CA LEU G 84 9.15 27.15 23.45
C LEU G 84 9.92 26.92 24.73
N GLY G 85 9.19 26.83 25.85
CA GLY G 85 9.80 26.65 27.15
C GLY G 85 10.30 25.24 27.38
N LYS G 86 10.36 24.86 28.66
CA LYS G 86 10.76 23.51 29.05
C LYS G 86 9.79 22.45 28.57
N ARG G 87 8.53 22.81 28.32
CA ARG G 87 7.53 21.89 27.79
C ARG G 87 7.32 20.68 28.70
N GLN G 88 6.74 19.62 28.15
CA GLN G 88 6.35 18.44 28.93
C GLN G 88 7.56 17.52 29.09
N SER G 89 8.26 17.67 30.21
CA SER G 89 9.33 16.77 30.65
C SER G 89 10.39 16.60 29.55
N ASP G 90 10.94 17.74 29.13
CA ASP G 90 12.03 17.73 28.16
C ASP G 90 13.31 17.20 28.78
N GLY G 91 13.64 17.62 29.99
CA GLY G 91 14.80 17.13 30.71
C GLY G 91 15.52 18.28 31.42
N LYS G 92 16.15 17.96 32.55
CA LYS G 92 16.88 18.98 33.31
C LYS G 92 18.18 19.36 32.63
N ASN G 93 18.84 18.41 31.97
CA ASN G 93 20.10 18.69 31.29
C ASN G 93 20.00 18.43 29.79
N ALA G 94 18.92 18.92 29.18
CA ALA G 94 18.75 18.77 27.74
C ALA G 94 19.46 19.90 27.01
N LEU G 95 20.24 19.56 25.99
CA LEU G 95 20.94 20.54 25.18
C LEU G 95 20.51 20.39 23.72
N TYR G 96 20.20 21.51 23.08
CA TYR G 96 19.80 21.54 21.68
C TYR G 96 21.00 22.00 20.85
N GLN G 97 21.55 21.09 20.05
CA GLN G 97 22.66 21.41 19.17
C GLN G 97 22.25 22.50 18.17
N SER G 98 23.17 23.41 17.87
CA SER G 98 22.88 24.50 16.95
C SER G 98 24.13 24.82 16.14
N CYS G 99 23.90 25.29 14.91
CA CYS G 99 24.98 25.75 14.05
C CYS G 99 25.41 27.17 14.36
N HIS G 100 24.67 27.87 15.21
CA HIS G 100 25.01 29.25 15.56
C HIS G 100 26.31 29.28 16.35
N GLU G 101 27.26 30.10 15.89
CA GLU G 101 28.56 30.21 16.52
C GLU G 101 28.98 31.67 16.55
N ASP G 102 29.70 32.04 17.62
CA ASP G 102 30.22 33.39 17.75
C ASP G 102 31.45 33.38 18.64
N GLU G 103 32.10 34.53 18.73
CA GLU G 103 33.37 34.67 19.45
C GLU G 103 33.15 35.18 20.86
N ASN G 104 34.05 34.77 21.76
CA ASN G 104 34.04 35.23 23.14
C ASN G 104 35.48 35.19 23.65
N ASP G 105 35.66 35.62 24.90
CA ASP G 105 36.97 35.59 25.52
C ASP G 105 37.23 34.21 26.11
N VAL G 106 38.47 33.73 25.96
CA VAL G 106 38.83 32.39 26.41
C VAL G 106 38.68 32.28 27.92
N GLN G 107 39.03 33.34 28.65
CA GLN G 107 38.97 33.31 30.11
C GLN G 107 37.55 33.26 30.66
N THR G 108 36.53 33.19 29.80
CA THR G 108 35.15 33.06 30.23
C THR G 108 34.70 31.60 30.34
N ILE G 109 35.60 30.65 30.16
CA ILE G 109 35.28 29.23 30.21
C ILE G 109 35.31 28.77 31.65
N SER G 110 34.19 28.22 32.14
CA SER G 110 34.13 27.70 33.50
C SER G 110 34.88 26.38 33.61
N HIS G 111 34.41 25.36 32.90
CA HIS G 111 35.04 24.05 32.93
C HIS G 111 34.64 23.29 31.67
N LYS G 112 35.16 22.07 31.54
CA LYS G 112 34.88 21.22 30.40
C LYS G 112 33.72 20.29 30.70
N CYS G 113 32.81 20.15 29.74
CA CYS G 113 31.68 19.25 29.85
C CYS G 113 31.64 18.33 28.64
N GLN G 114 30.72 17.37 28.67
CA GLN G 114 30.53 16.41 27.59
C GLN G 114 29.06 16.30 27.26
N VAL G 115 28.75 16.12 25.98
CA VAL G 115 27.39 15.98 25.49
C VAL G 115 27.29 14.67 24.72
N VAL G 116 26.47 13.75 25.23
CA VAL G 116 26.27 12.46 24.59
C VAL G 116 24.78 12.30 24.31
N GLY G 117 24.40 11.17 23.70
CA GLY G 117 23.00 10.86 23.55
C GLY G 117 22.37 10.46 24.86
N ARG G 118 21.03 10.46 24.88
CA ARG G 118 20.32 10.07 26.10
C ARG G 118 20.64 8.65 26.50
N GLU G 119 20.96 7.79 25.53
CA GLU G 119 21.38 6.42 25.80
C GLU G 119 22.59 6.40 26.72
N GLN G 120 23.73 6.93 26.26
CA GLN G 120 24.93 6.97 27.10
C GLN G 120 24.68 7.77 28.37
N TYR G 121 23.90 8.85 28.27
CA TYR G 121 23.62 9.71 29.42
C TYR G 121 23.02 8.87 30.55
N GLU G 122 21.81 8.33 30.34
CA GLU G 122 21.19 7.51 31.37
C GLU G 122 21.92 6.19 31.60
N GLN G 123 22.87 5.82 30.74
CA GLN G 123 23.65 4.62 30.97
C GLN G 123 24.77 4.84 31.97
N MET G 124 25.31 6.06 32.04
CA MET G 124 26.42 6.35 32.94
C MET G 124 26.09 7.38 34.01
N MET G 125 24.89 7.96 34.01
CA MET G 125 24.57 9.02 34.95
C MET G 125 23.97 8.51 36.26
N ARG G 126 23.22 7.41 36.22
CA ARG G 126 22.45 6.97 37.37
C ARG G 126 23.32 6.56 38.55
N GLY G 127 24.60 6.26 38.31
CA GLY G 127 25.48 5.74 39.34
C GLY G 127 25.82 6.72 40.45
N ARG G 128 26.39 7.87 40.09
CA ARG G 128 26.87 8.82 41.07
C ARG G 128 25.73 9.32 41.96
N LYS G 129 26.11 9.85 43.13
CA LYS G 129 25.11 10.25 44.12
C LYS G 129 24.43 11.56 43.73
N TYR G 130 25.17 12.49 43.13
CA TYR G 130 24.67 13.83 42.86
C TYR G 130 24.54 14.05 41.36
N GLN G 131 23.34 14.43 40.93
CA GLN G 131 23.09 14.88 39.57
C GLN G 131 23.06 16.41 39.57
N ASP G 132 22.47 17.00 38.53
CA ASP G 132 22.44 18.45 38.36
C ASP G 132 23.85 19.03 38.39
N GLN G 133 24.81 18.28 37.83
CA GLN G 133 26.24 18.53 38.03
C GLN G 133 26.87 19.45 37.00
N GLN G 134 26.34 19.51 35.78
CA GLN G 134 26.70 20.45 34.70
C GLN G 134 27.98 20.12 33.94
N ASP G 135 28.57 18.94 34.10
CA ASP G 135 29.68 18.53 33.24
C ASP G 135 29.37 17.21 32.54
N LEU G 136 28.09 17.01 32.21
CA LEU G 136 27.64 15.92 31.35
C LEU G 136 26.17 16.14 30.99
N TYR G 137 25.89 16.37 29.71
CA TYR G 137 24.54 16.66 29.24
C TYR G 137 24.12 15.63 28.20
N TYR G 138 22.87 15.75 27.76
CA TYR G 138 22.36 14.88 26.71
C TYR G 138 21.76 15.73 25.59
N LEU G 139 22.04 15.32 24.35
CA LEU G 139 21.59 16.02 23.17
C LEU G 139 20.14 15.65 22.88
N ALA G 140 19.28 16.68 22.76
CA ALA G 140 17.86 16.47 22.57
C ALA G 140 17.35 16.98 21.22
N GLY G 141 18.18 17.65 20.44
CA GLY G 141 17.73 18.05 19.11
C GLY G 141 18.54 19.23 18.58
N THR G 142 17.89 19.99 17.70
CA THR G 142 18.51 21.09 16.97
C THR G 142 17.59 22.31 17.03
N TYR G 143 18.18 23.47 17.27
CA TYR G 143 17.46 24.73 17.39
C TYR G 143 18.12 25.80 16.53
N ASP G 144 17.29 26.62 15.89
CA ASP G 144 17.77 27.72 15.06
C ASP G 144 17.24 29.04 15.63
N PRO G 145 18.09 29.90 16.19
CA PRO G 145 17.58 31.13 16.80
C PRO G 145 17.00 32.12 15.80
N THR G 146 17.46 32.09 14.54
CA THR G 146 17.00 33.07 13.56
C THR G 146 15.59 32.78 13.06
N THR G 147 15.21 31.50 12.96
CA THR G 147 13.91 31.12 12.44
C THR G 147 13.02 30.45 13.48
N GLY G 148 13.51 30.21 14.69
CA GLY G 148 12.74 29.52 15.69
C GLY G 148 12.49 28.06 15.43
N ARG G 149 13.07 27.48 14.38
CA ARG G 149 12.88 26.07 14.08
C ARG G 149 13.51 25.21 15.18
N LEU G 150 12.78 24.17 15.58
CA LEU G 150 13.23 23.29 16.66
C LEU G 150 12.82 21.87 16.31
N VAL G 151 13.81 21.00 16.14
CA VAL G 151 13.58 19.59 15.88
C VAL G 151 14.21 18.78 16.99
N THR G 152 13.73 17.55 17.17
CA THR G 152 14.29 16.68 18.19
C THR G 152 15.53 15.97 17.66
N ALA G 153 16.11 15.11 18.50
CA ALA G 153 17.25 14.30 18.08
C ALA G 153 16.87 13.23 17.06
N ASP G 154 15.60 13.17 16.64
CA ASP G 154 15.13 12.23 15.65
C ASP G 154 14.49 12.92 14.46
N GLY G 155 14.75 14.22 14.28
CA GLY G 155 14.25 14.96 13.14
C GLY G 155 12.82 15.46 13.25
N VAL G 156 12.07 15.05 14.26
CA VAL G 156 10.68 15.48 14.36
C VAL G 156 10.63 16.93 14.84
N PRO G 157 9.80 17.80 14.24
CA PRO G 157 9.66 19.16 14.76
C PRO G 157 9.00 19.21 16.14
N VAL G 158 8.40 20.36 16.46
CA VAL G 158 7.84 20.57 17.80
C VAL G 158 6.32 20.56 17.76
N LEU G 159 5.71 21.13 18.79
CA LEU G 159 4.24 21.17 18.91
C LEU G 159 3.81 22.39 19.72
N ARG H 2 -17.76 -49.16 13.44
CA ARG H 2 -18.05 -49.44 12.05
C ARG H 2 -17.34 -48.47 11.12
N GLN H 3 -17.70 -48.49 9.83
CA GLN H 3 -17.13 -47.61 8.83
C GLN H 3 -18.05 -46.44 8.50
N LEU H 4 -19.06 -46.19 9.33
CA LEU H 4 -20.04 -45.14 9.10
C LEU H 4 -20.12 -44.24 10.33
N TRP H 5 -20.64 -43.03 10.10
CA TRP H 5 -20.89 -42.09 11.18
C TRP H 5 -22.31 -42.32 11.72
N LYS H 6 -22.41 -42.48 13.03
CA LYS H 6 -23.69 -42.69 13.70
C LYS H 6 -23.96 -41.55 14.67
N TRP H 7 -25.25 -41.26 14.87
CA TRP H 7 -25.63 -40.18 15.78
C TRP H 7 -25.19 -40.50 17.21
N SER H 8 -25.23 -39.47 18.06
CA SER H 8 -24.82 -39.63 19.46
C SER H 8 -25.67 -38.76 20.38
N GLY H 9 -26.93 -38.51 20.01
CA GLY H 9 -27.79 -37.69 20.82
C GLY H 9 -29.23 -37.84 20.43
N ASN H 10 -30.08 -37.02 21.04
CA ASN H 10 -31.52 -36.98 20.82
C ASN H 10 -31.89 -35.88 19.84
N PRO H 11 -32.87 -36.11 18.98
CA PRO H 11 -33.30 -35.08 18.04
C PRO H 11 -33.91 -33.88 18.76
N THR H 12 -34.08 -32.80 18.00
CA THR H 12 -34.63 -31.55 18.53
C THR H 12 -35.52 -30.93 17.45
N GLN H 13 -36.32 -29.95 17.88
CA GLN H 13 -37.23 -29.22 16.98
C GLN H 13 -38.20 -30.16 16.26
N GLY H 19 -42.67 -24.90 16.16
CA GLY H 19 -41.54 -25.37 15.38
C GLY H 19 -41.93 -26.22 14.19
N LYS H 20 -41.26 -26.01 13.06
CA LYS H 20 -41.54 -26.78 11.85
C LYS H 20 -41.14 -28.24 12.07
N ALA H 21 -42.11 -29.14 11.97
CA ALA H 21 -41.88 -30.56 12.22
C ALA H 21 -41.59 -31.30 10.91
N ARG H 22 -40.53 -30.87 10.22
CA ARG H 22 -40.09 -31.54 9.00
C ARG H 22 -38.57 -31.72 8.96
N LYS H 23 -37.91 -31.73 10.11
CA LYS H 23 -36.47 -31.91 10.20
C LYS H 23 -36.10 -32.28 11.63
N LEU H 24 -35.17 -33.22 11.76
CA LEU H 24 -34.73 -33.71 13.07
C LEU H 24 -33.26 -33.34 13.25
N PHE H 25 -32.99 -32.25 13.96
CA PHE H 25 -31.63 -31.80 14.18
C PHE H 25 -30.96 -32.63 15.27
N TYR H 26 -29.63 -32.70 15.20
CA TYR H 26 -28.84 -33.44 16.17
C TYR H 26 -27.76 -32.54 16.74
N LYS H 27 -26.76 -33.14 17.40
CA LYS H 27 -25.71 -32.37 18.03
C LYS H 27 -24.31 -32.95 17.89
N ALA H 28 -24.15 -34.28 17.79
CA ALA H 28 -22.82 -34.87 17.70
C ALA H 28 -22.94 -36.26 17.08
N ILE H 29 -21.81 -36.75 16.56
CA ILE H 29 -21.70 -38.07 15.97
C ILE H 29 -20.39 -38.70 16.41
N VAL H 30 -20.27 -40.01 16.21
CA VAL H 30 -19.09 -40.76 16.61
C VAL H 30 -18.83 -41.87 15.60
N ARG H 31 -17.57 -42.32 15.57
CA ARG H 31 -17.16 -43.44 14.74
C ARG H 31 -15.95 -44.07 15.40
N GLY H 32 -16.14 -45.23 16.02
CA GLY H 32 -15.07 -45.83 16.80
C GLY H 32 -14.72 -44.93 17.97
N LYS H 33 -13.43 -44.64 18.10
CA LYS H 33 -12.95 -43.70 19.11
C LYS H 33 -12.87 -42.27 18.60
N GLU H 34 -13.31 -42.02 17.36
CA GLU H 34 -13.24 -40.70 16.75
C GLU H 34 -14.57 -39.99 16.94
N THR H 35 -14.58 -38.95 17.78
CA THR H 35 -15.80 -38.19 18.03
C THR H 35 -15.87 -36.98 17.11
N LEU H 36 -17.07 -36.41 17.00
CA LEU H 36 -17.29 -35.21 16.21
C LEU H 36 -18.44 -34.45 16.85
N ARG H 37 -18.21 -33.20 17.23
CA ARG H 37 -19.21 -32.38 17.88
C ARG H 37 -19.35 -31.06 17.12
N ILE H 38 -20.39 -30.31 17.48
CA ILE H 38 -20.63 -29.01 16.86
C ILE H 38 -19.46 -28.08 17.15
N GLY H 39 -18.94 -27.45 16.11
CA GLY H 39 -17.82 -26.54 16.23
C GLY H 39 -16.48 -27.14 15.89
N ASP H 40 -16.36 -28.46 15.86
CA ASP H 40 -15.13 -29.10 15.46
C ASP H 40 -14.92 -28.96 13.96
N CYS H 41 -13.67 -29.04 13.54
CA CYS H 41 -13.30 -28.97 12.13
C CYS H 41 -13.03 -30.37 11.60
N ALA H 42 -13.49 -30.64 10.39
CA ALA H 42 -13.41 -31.95 9.79
C ALA H 42 -12.88 -31.86 8.37
N VAL H 43 -12.02 -32.80 8.02
CA VAL H 43 -11.58 -33.00 6.65
C VAL H 43 -12.61 -33.86 5.93
N PHE H 44 -12.89 -33.52 4.68
CA PHE H 44 -13.92 -34.20 3.91
C PHE H 44 -13.29 -35.00 2.78
N LEU H 45 -14.12 -35.73 2.05
CA LEU H 45 -13.70 -36.52 0.90
C LEU H 45 -14.04 -35.71 -0.35
N SER H 46 -13.04 -35.08 -0.94
CA SER H 46 -13.23 -34.29 -2.15
C SER H 46 -13.34 -35.20 -3.37
N ALA H 47 -13.81 -34.62 -4.47
CA ALA H 47 -14.02 -35.39 -5.69
C ALA H 47 -12.85 -35.27 -6.66
N GLY H 48 -12.21 -34.11 -6.74
CA GLY H 48 -11.18 -33.90 -7.73
C GLY H 48 -9.76 -33.78 -7.18
N ARG H 49 -9.55 -32.83 -6.28
CA ARG H 49 -8.21 -32.53 -5.78
C ARG H 49 -8.00 -33.12 -4.40
N PRO H 50 -7.22 -34.19 -4.25
CA PRO H 50 -6.87 -34.68 -2.92
C PRO H 50 -5.60 -34.07 -2.35
N ASN H 51 -4.86 -33.27 -3.13
CA ASN H 51 -3.72 -32.55 -2.59
C ASN H 51 -4.17 -31.64 -1.44
N LEU H 52 -5.09 -30.71 -1.74
CA LEU H 52 -5.77 -29.96 -0.70
C LEU H 52 -7.13 -30.60 -0.42
N PRO H 53 -7.40 -31.02 0.80
CA PRO H 53 -8.70 -31.64 1.09
C PRO H 53 -9.76 -30.62 1.46
N TYR H 54 -11.01 -30.99 1.20
CA TYR H 54 -12.14 -30.17 1.62
C TYR H 54 -12.23 -30.18 3.13
N ILE H 55 -12.00 -29.02 3.75
CA ILE H 55 -11.99 -28.88 5.19
C ILE H 55 -13.07 -27.89 5.60
N GLY H 56 -13.80 -28.20 6.66
CA GLY H 56 -14.86 -27.32 7.09
C GLY H 56 -15.21 -27.51 8.55
N ARG H 57 -15.69 -26.44 9.16
CA ARG H 57 -16.19 -26.48 10.53
C ARG H 57 -17.67 -26.81 10.53
N ILE H 58 -18.06 -27.73 11.42
CA ILE H 58 -19.46 -28.15 11.49
C ILE H 58 -20.29 -27.04 12.11
N GLU H 59 -21.42 -26.72 11.47
CA GLU H 59 -22.34 -25.71 11.99
C GLU H 59 -23.68 -26.28 12.41
N SER H 60 -24.13 -27.38 11.78
CA SER H 60 -25.42 -27.99 12.10
C SER H 60 -25.47 -29.38 11.49
N LEU H 61 -26.19 -30.27 12.16
CA LEU H 61 -26.47 -31.61 11.66
C LEU H 61 -27.96 -31.90 11.83
N TRP H 62 -28.52 -32.64 10.88
CA TRP H 62 -29.93 -33.02 10.96
C TRP H 62 -30.19 -34.19 10.02
N GLU H 63 -31.35 -34.82 10.22
CA GLU H 63 -31.84 -35.87 9.35
C GLU H 63 -33.09 -35.36 8.64
N SER H 64 -33.16 -35.59 7.33
CA SER H 64 -34.10 -34.89 6.48
C SER H 64 -35.37 -35.71 6.24
N TRP H 65 -36.12 -35.35 5.20
CA TRP H 65 -37.38 -36.00 4.87
C TRP H 65 -37.17 -37.48 4.57
N GLY H 66 -36.32 -37.78 3.59
CA GLY H 66 -36.08 -39.15 3.17
C GLY H 66 -35.04 -39.87 4.02
N SER H 67 -34.90 -39.44 5.28
CA SER H 67 -33.97 -40.04 6.23
C SER H 67 -32.55 -40.04 5.69
N ASN H 68 -31.90 -38.89 5.70
CA ASN H 68 -30.52 -38.76 5.25
C ASN H 68 -29.72 -37.95 6.26
N MET H 69 -28.52 -38.43 6.57
CA MET H 69 -27.64 -37.73 7.50
C MET H 69 -27.02 -36.53 6.78
N VAL H 70 -27.48 -35.33 7.15
CA VAL H 70 -27.03 -34.09 6.52
C VAL H 70 -26.26 -33.28 7.55
N VAL H 71 -25.16 -32.66 7.10
CA VAL H 71 -24.34 -31.79 7.93
C VAL H 71 -24.13 -30.47 7.21
N LYS H 72 -24.36 -29.37 7.91
CA LYS H 72 -24.05 -28.04 7.38
C LYS H 72 -22.62 -27.69 7.75
N VAL H 73 -21.83 -27.29 6.75
CA VAL H 73 -20.40 -27.09 6.91
C VAL H 73 -20.06 -25.68 6.47
N LYS H 74 -19.29 -24.97 7.29
CA LYS H 74 -18.72 -23.67 6.96
C LYS H 74 -17.29 -23.92 6.51
N TRP H 75 -17.01 -23.63 5.24
CA TRP H 75 -15.77 -24.08 4.62
C TRP H 75 -14.57 -23.30 5.12
N PHE H 76 -13.41 -23.95 5.07
CA PHE H 76 -12.11 -23.29 5.22
C PHE H 76 -11.37 -23.41 3.89
N TYR H 77 -10.85 -22.30 3.40
CA TYR H 77 -10.21 -22.26 2.10
C TYR H 77 -8.70 -22.39 2.24
N HIS H 78 -8.08 -23.14 1.34
CA HIS H 78 -6.64 -23.25 1.26
C HIS H 78 -6.07 -22.05 0.49
N PRO H 79 -4.83 -21.67 0.76
CA PRO H 79 -4.24 -20.53 0.03
C PRO H 79 -4.24 -20.71 -1.48
N GLU H 80 -4.11 -21.95 -1.96
CA GLU H 80 -4.15 -22.18 -3.39
C GLU H 80 -5.55 -21.97 -3.95
N GLU H 81 -6.58 -22.12 -3.13
CA GLU H 81 -7.96 -21.94 -3.57
C GLU H 81 -8.41 -20.49 -3.55
N THR H 82 -7.58 -19.57 -3.05
CA THR H 82 -7.95 -18.17 -2.97
C THR H 82 -7.73 -17.47 -4.31
N LYS H 83 -7.96 -16.16 -4.33
CA LYS H 83 -7.69 -15.38 -5.53
C LYS H 83 -6.20 -15.28 -5.84
N LEU H 84 -5.34 -15.53 -4.86
CA LEU H 84 -3.90 -15.56 -5.04
C LEU H 84 -3.39 -16.97 -4.83
N GLY H 85 -2.18 -17.23 -5.33
CA GLY H 85 -1.54 -18.51 -5.14
C GLY H 85 -0.97 -18.65 -3.74
N LYS H 86 -0.28 -19.77 -3.53
CA LYS H 86 0.38 -20.02 -2.26
C LYS H 86 1.51 -19.01 -2.04
N ARG H 87 1.19 -17.87 -1.43
CA ARG H 87 2.20 -16.86 -1.16
C ARG H 87 3.31 -17.44 -0.27
N GLN H 88 4.54 -16.98 -0.51
CA GLN H 88 5.69 -17.53 0.19
C GLN H 88 5.59 -17.34 1.70
N SER H 89 4.91 -16.29 2.14
CA SER H 89 4.75 -16.05 3.58
C SER H 89 3.97 -17.19 4.24
N ASP H 90 3.00 -17.75 3.53
CA ASP H 90 2.26 -18.88 4.07
C ASP H 90 3.18 -20.09 4.25
N GLY H 91 2.90 -20.89 5.27
CA GLY H 91 3.61 -22.12 5.50
C GLY H 91 2.83 -23.33 5.03
N LYS H 92 3.25 -24.50 5.50
CA LYS H 92 2.55 -25.73 5.18
C LYS H 92 1.17 -25.74 5.82
N ASN H 93 0.18 -26.22 5.06
CA ASN H 93 -1.19 -26.45 5.52
C ASN H 93 -1.76 -25.27 6.31
N ALA H 94 -1.93 -24.15 5.59
CA ALA H 94 -2.63 -23.00 6.11
C ALA H 94 -4.11 -23.07 5.74
N LEU H 95 -4.96 -22.52 6.61
CA LEU H 95 -6.40 -22.51 6.35
C LEU H 95 -6.95 -21.12 6.60
N TYR H 96 -7.65 -20.58 5.62
CA TYR H 96 -8.33 -19.29 5.74
C TYR H 96 -9.79 -19.54 6.09
N GLN H 97 -10.23 -19.00 7.23
CA GLN H 97 -11.61 -19.16 7.65
C GLN H 97 -12.54 -18.42 6.71
N SER H 98 -13.67 -19.05 6.40
CA SER H 98 -14.68 -18.47 5.53
C SER H 98 -16.03 -18.50 6.23
N CYS H 99 -16.99 -17.75 5.67
CA CYS H 99 -18.37 -17.76 6.15
C CYS H 99 -19.34 -18.24 5.08
N HIS H 100 -18.84 -18.82 4.00
CA HIS H 100 -19.68 -19.40 2.95
C HIS H 100 -19.91 -20.88 3.29
N GLU H 101 -21.11 -21.20 3.75
CA GLU H 101 -21.44 -22.53 4.21
C GLU H 101 -22.41 -23.21 3.25
N ASP H 102 -22.48 -24.54 3.35
CA ASP H 102 -23.41 -25.30 2.54
C ASP H 102 -23.67 -26.65 3.20
N GLU H 103 -24.72 -27.32 2.74
CA GLU H 103 -25.13 -28.60 3.28
C GLU H 103 -24.52 -29.74 2.46
N ASN H 104 -24.19 -30.83 3.15
CA ASN H 104 -23.61 -32.00 2.50
C ASN H 104 -24.06 -33.25 3.24
N ASP H 105 -23.73 -34.40 2.66
CA ASP H 105 -23.96 -35.67 3.32
C ASP H 105 -22.94 -35.86 4.43
N VAL H 106 -23.33 -36.60 5.46
CA VAL H 106 -22.43 -36.79 6.60
C VAL H 106 -21.33 -37.79 6.29
N GLN H 107 -21.66 -38.83 5.52
CA GLN H 107 -20.71 -39.92 5.28
C GLN H 107 -19.50 -39.50 4.44
N THR H 108 -19.48 -38.28 3.91
CA THR H 108 -18.32 -37.79 3.17
C THR H 108 -17.26 -37.18 4.08
N ILE H 109 -17.46 -37.23 5.39
CA ILE H 109 -16.49 -36.70 6.35
C ILE H 109 -15.42 -37.76 6.57
N SER H 110 -14.19 -37.47 6.12
CA SER H 110 -13.11 -38.44 6.26
C SER H 110 -12.71 -38.60 7.72
N HIS H 111 -12.22 -37.53 8.33
CA HIS H 111 -11.73 -37.58 9.71
C HIS H 111 -11.91 -36.22 10.35
N LYS H 112 -11.43 -36.10 11.59
CA LYS H 112 -11.51 -34.88 12.38
C LYS H 112 -10.14 -34.23 12.44
N CYS H 113 -10.08 -32.93 12.18
CA CYS H 113 -8.85 -32.18 12.22
C CYS H 113 -8.97 -31.03 13.22
N GLN H 114 -7.83 -30.44 13.56
CA GLN H 114 -7.77 -29.29 14.45
C GLN H 114 -7.29 -28.07 13.66
N VAL H 115 -7.80 -26.91 14.04
CA VAL H 115 -7.40 -25.63 13.45
C VAL H 115 -7.03 -24.72 14.60
N VAL H 116 -5.72 -24.48 14.78
CA VAL H 116 -5.24 -23.68 15.90
C VAL H 116 -4.56 -22.42 15.39
N GLY H 117 -3.70 -21.84 16.23
CA GLY H 117 -2.98 -20.64 15.85
C GLY H 117 -1.61 -20.95 15.25
N ARG H 118 -1.06 -19.96 14.54
CA ARG H 118 0.21 -20.16 13.85
C ARG H 118 1.33 -20.43 14.85
N GLU H 119 1.42 -19.63 15.91
CA GLU H 119 2.43 -19.87 16.94
C GLU H 119 2.19 -21.20 17.64
N GLN H 120 0.92 -21.52 17.93
CA GLN H 120 0.61 -22.81 18.52
C GLN H 120 0.95 -23.96 17.57
N TYR H 121 0.66 -23.77 16.28
CA TYR H 121 0.97 -24.81 15.29
C TYR H 121 2.48 -25.04 15.20
N GLU H 122 3.26 -23.96 15.28
CA GLU H 122 4.72 -24.12 15.24
C GLU H 122 5.24 -24.77 16.52
N GLN H 123 4.68 -24.40 17.67
CA GLN H 123 5.08 -25.02 18.94
C GLN H 123 4.67 -26.48 19.01
N MET H 124 3.65 -26.88 18.25
CA MET H 124 3.21 -28.27 18.24
C MET H 124 3.98 -29.12 17.24
N MET H 125 4.22 -28.59 16.03
CA MET H 125 4.86 -29.36 14.97
C MET H 125 6.38 -29.30 15.08
N ARG H 126 6.90 -29.25 16.30
CA ARG H 126 8.34 -29.31 16.55
C ARG H 126 8.80 -30.70 16.94
N GLY H 127 8.12 -31.34 17.89
CA GLY H 127 8.47 -32.69 18.27
C GLY H 127 8.06 -33.72 17.22
N ARG H 128 6.94 -33.49 16.55
CA ARG H 128 6.51 -34.40 15.49
C ARG H 128 7.47 -34.31 14.30
N LYS H 129 7.85 -35.47 13.78
CA LYS H 129 8.81 -35.55 12.68
C LYS H 129 8.17 -35.90 11.35
N TYR H 130 6.85 -35.83 11.25
CA TYR H 130 6.13 -36.20 10.03
C TYR H 130 5.32 -34.99 9.55
N GLN H 131 5.87 -34.24 8.60
CA GLN H 131 5.18 -33.10 8.02
C GLN H 131 4.13 -33.57 7.02
N ASP H 132 3.40 -32.62 6.44
CA ASP H 132 2.30 -32.91 5.52
C ASP H 132 1.29 -33.85 6.16
N GLN H 133 1.03 -33.64 7.44
CA GLN H 133 0.24 -34.57 8.24
C GLN H 133 -1.27 -34.45 7.99
N GLN H 134 -1.72 -33.45 7.24
CA GLN H 134 -3.12 -33.34 6.84
C GLN H 134 -4.09 -33.50 8.02
N ASP H 135 -3.58 -33.43 9.24
CA ASP H 135 -4.35 -33.67 10.45
C ASP H 135 -4.43 -32.48 11.38
N LEU H 136 -3.53 -31.52 11.24
CA LEU H 136 -3.52 -30.31 12.05
C LEU H 136 -3.22 -29.11 11.15
N TYR H 137 -3.97 -28.04 11.34
CA TYR H 137 -3.86 -26.86 10.49
C TYR H 137 -3.84 -25.61 11.36
N TYR H 138 -3.35 -24.52 10.78
CA TYR H 138 -3.31 -23.24 11.46
C TYR H 138 -4.11 -22.20 10.69
N LEU H 139 -4.78 -21.34 11.45
CA LEU H 139 -5.64 -20.30 10.90
C LEU H 139 -4.79 -19.15 10.39
N ALA H 140 -4.96 -18.81 9.11
CA ALA H 140 -4.24 -17.72 8.49
C ALA H 140 -5.06 -16.44 8.40
N GLY H 141 -6.39 -16.53 8.49
CA GLY H 141 -7.22 -15.34 8.44
C GLY H 141 -8.64 -15.60 7.97
N THR H 142 -9.17 -14.66 7.20
CA THR H 142 -10.54 -14.71 6.69
C THR H 142 -10.53 -14.48 5.19
N TYR H 143 -11.37 -15.24 4.48
CA TYR H 143 -11.48 -15.15 3.02
C TYR H 143 -12.94 -14.97 2.64
N ASP H 144 -13.18 -14.10 1.66
CA ASP H 144 -14.54 -13.82 1.17
C ASP H 144 -14.63 -14.21 -0.30
N PRO H 145 -15.19 -15.38 -0.61
CA PRO H 145 -15.27 -15.82 -2.02
C PRO H 145 -16.14 -14.92 -2.89
N THR H 146 -17.09 -14.19 -2.30
CA THR H 146 -17.95 -13.32 -3.12
C THR H 146 -17.17 -12.12 -3.66
N THR H 147 -16.28 -11.55 -2.85
CA THR H 147 -15.52 -10.38 -3.25
C THR H 147 -14.03 -10.65 -3.43
N GLY H 148 -13.56 -11.86 -3.11
CA GLY H 148 -12.15 -12.15 -3.20
C GLY H 148 -11.29 -11.51 -2.13
N ARG H 149 -11.86 -10.65 -1.30
CA ARG H 149 -11.09 -9.97 -0.26
C ARG H 149 -10.74 -10.93 0.86
N LEU H 150 -9.48 -10.93 1.28
CA LEU H 150 -9.03 -11.78 2.38
C LEU H 150 -8.10 -10.98 3.28
N VAL H 151 -8.23 -11.21 4.58
CA VAL H 151 -7.40 -10.55 5.58
C VAL H 151 -6.67 -11.62 6.38
N THR H 152 -5.55 -11.23 6.97
CA THR H 152 -4.72 -12.17 7.73
C THR H 152 -5.32 -12.40 9.11
N ALA H 153 -4.65 -13.25 9.89
CA ALA H 153 -5.10 -13.57 11.25
C ALA H 153 -4.96 -12.42 12.23
N ASP H 154 -4.35 -11.30 11.81
CA ASP H 154 -4.20 -10.14 12.67
C ASP H 154 -5.04 -8.94 12.22
N GLY H 155 -5.67 -9.02 11.05
CA GLY H 155 -6.46 -7.93 10.51
C GLY H 155 -5.88 -7.28 9.29
N VAL H 156 -4.61 -7.54 8.97
CA VAL H 156 -3.95 -6.99 7.79
C VAL H 156 -4.59 -7.58 6.53
N PRO H 157 -5.18 -6.77 5.67
CA PRO H 157 -5.82 -7.31 4.46
C PRO H 157 -4.81 -7.77 3.42
N VAL H 158 -5.29 -8.15 2.24
CA VAL H 158 -4.45 -8.57 1.13
C VAL H 158 -4.36 -7.44 0.11
N LEU H 159 -3.18 -7.26 -0.47
CA LEU H 159 -2.97 -6.20 -1.45
C LEU H 159 -2.02 -6.65 -2.54
N ARG I 2 12.59 -23.43 -0.66
CA ARG I 2 12.53 -22.90 -2.02
C ARG I 2 11.14 -23.11 -2.62
N GLN I 3 10.95 -22.64 -3.86
CA GLN I 3 9.69 -22.77 -4.55
C GLN I 3 9.76 -23.59 -5.84
N LEU I 4 10.96 -23.91 -6.33
CA LEU I 4 11.12 -24.66 -7.55
C LEU I 4 12.13 -25.78 -7.34
N TRP I 5 12.04 -26.80 -8.19
CA TRP I 5 12.97 -27.92 -8.18
C TRP I 5 14.12 -27.64 -9.14
N LYS I 6 15.35 -27.76 -8.64
CA LYS I 6 16.54 -27.56 -9.45
C LYS I 6 17.27 -28.88 -9.63
N TRP I 7 18.07 -28.95 -10.69
CA TRP I 7 18.83 -30.16 -10.96
C TRP I 7 19.93 -30.34 -9.92
N SER I 8 20.56 -31.52 -9.94
CA SER I 8 21.71 -31.78 -9.09
C SER I 8 22.64 -32.73 -9.81
N GLY I 9 23.94 -32.52 -9.61
CA GLY I 9 24.96 -33.35 -10.24
C GLY I 9 25.11 -33.03 -11.72
N ASN I 10 26.09 -33.69 -12.34
CA ASN I 10 26.35 -33.47 -13.76
C ASN I 10 25.37 -34.26 -14.61
N PRO I 11 24.97 -33.72 -15.76
CA PRO I 11 23.98 -34.41 -16.60
C PRO I 11 24.57 -35.58 -17.38
N THR I 12 23.74 -36.18 -18.24
CA THR I 12 24.14 -37.29 -19.10
C THR I 12 23.33 -37.19 -20.38
N GLN I 13 23.99 -37.33 -21.51
CA GLN I 13 23.36 -37.06 -22.80
C GLN I 13 23.18 -38.33 -23.62
N ARG I 14 22.06 -38.39 -24.34
CA ARG I 14 21.85 -39.34 -25.40
C ARG I 14 21.87 -38.59 -26.72
N ARG I 15 22.64 -39.09 -27.68
CA ARG I 15 22.88 -38.38 -28.94
C ARG I 15 21.57 -37.96 -29.60
N GLY I 16 20.83 -38.94 -30.14
CA GLY I 16 19.51 -38.65 -30.67
C GLY I 16 19.51 -37.67 -31.82
N MET I 17 20.55 -37.73 -32.66
CA MET I 17 20.69 -36.84 -33.82
C MET I 17 20.61 -35.37 -33.42
N ARG I 22 18.01 -36.80 -27.52
CA ARG I 22 17.92 -35.35 -27.62
C ARG I 22 17.51 -34.73 -26.28
N LYS I 23 17.91 -35.39 -25.20
CA LYS I 23 17.55 -34.97 -23.85
C LYS I 23 18.79 -34.93 -22.97
N LEU I 24 18.63 -34.41 -21.75
CA LEU I 24 19.69 -34.31 -20.76
C LEU I 24 19.21 -34.98 -19.48
N PHE I 25 19.52 -36.27 -19.33
CA PHE I 25 19.11 -37.00 -18.13
C PHE I 25 19.92 -36.55 -16.93
N TYR I 26 19.28 -36.50 -15.77
CA TYR I 26 19.94 -36.11 -14.53
C TYR I 26 19.73 -37.21 -13.49
N LYS I 27 20.51 -37.12 -12.41
CA LYS I 27 20.45 -38.10 -11.34
C LYS I 27 19.46 -37.71 -10.24
N ALA I 28 19.41 -36.44 -9.87
CA ALA I 28 18.62 -36.03 -8.73
C ALA I 28 18.21 -34.56 -8.86
N ILE I 29 17.21 -34.18 -8.07
CA ILE I 29 16.74 -32.81 -7.99
C ILE I 29 16.76 -32.38 -6.52
N VAL I 30 16.69 -31.07 -6.31
CA VAL I 30 16.82 -30.49 -4.98
C VAL I 30 15.95 -29.24 -4.90
N ARG I 31 15.28 -29.07 -3.76
CA ARG I 31 14.50 -27.87 -3.47
C ARG I 31 14.73 -27.50 -2.01
N GLY I 32 15.47 -26.42 -1.79
CA GLY I 32 15.74 -25.97 -0.43
C GLY I 32 16.48 -27.04 0.35
N LYS I 33 15.90 -27.43 1.49
CA LYS I 33 16.48 -28.47 2.33
C LYS I 33 16.16 -29.89 1.85
N GLU I 34 15.21 -30.04 0.94
CA GLU I 34 14.79 -31.36 0.49
C GLU I 34 15.53 -31.74 -0.80
N THR I 35 15.73 -33.05 -0.98
CA THR I 35 16.38 -33.57 -2.17
C THR I 35 15.75 -34.89 -2.56
N LEU I 36 15.47 -35.05 -3.85
CA LEU I 36 14.89 -36.26 -4.41
C LEU I 36 15.88 -36.92 -5.34
N ARG I 37 16.02 -38.24 -5.21
CA ARG I 37 16.94 -39.01 -6.04
C ARG I 37 16.18 -40.07 -6.81
N ILE I 38 16.86 -40.66 -7.80
CA ILE I 38 16.25 -41.70 -8.63
C ILE I 38 15.92 -42.90 -7.76
N GLY I 39 14.68 -43.36 -7.85
CA GLY I 39 14.22 -44.51 -7.08
C GLY I 39 13.37 -44.15 -5.88
N ASP I 40 13.35 -42.89 -5.46
CA ASP I 40 12.56 -42.48 -4.31
C ASP I 40 11.10 -42.32 -4.71
N CYS I 41 10.23 -42.38 -3.70
CA CYS I 41 8.80 -42.17 -3.89
C CYS I 41 8.45 -40.72 -3.60
N ALA I 42 7.49 -40.19 -4.36
CA ALA I 42 7.12 -38.78 -4.24
C ALA I 42 5.64 -38.62 -4.48
N VAL I 43 5.02 -37.73 -3.70
CA VAL I 43 3.64 -37.31 -3.89
C VAL I 43 3.63 -36.16 -4.88
N PHE I 44 2.61 -36.14 -5.75
CA PHE I 44 2.54 -35.16 -6.81
C PHE I 44 1.35 -34.22 -6.60
N LEU I 45 1.12 -33.34 -7.55
CA LEU I 45 0.02 -32.38 -7.50
C LEU I 45 -0.95 -32.65 -8.63
N SER I 46 -2.24 -32.46 -8.34
CA SER I 46 -3.29 -32.70 -9.33
C SER I 46 -4.26 -31.52 -9.40
N PRO I 53 -4.42 -38.54 -3.33
CA PRO I 53 -3.55 -37.82 -4.26
C PRO I 53 -3.00 -38.73 -5.35
N TYR I 54 -1.86 -38.35 -5.93
CA TYR I 54 -1.17 -39.18 -6.91
C TYR I 54 0.29 -39.29 -6.52
N ILE I 55 0.75 -40.52 -6.33
CA ILE I 55 2.08 -40.81 -5.82
C ILE I 55 2.79 -41.71 -6.83
N GLY I 56 4.11 -41.62 -6.88
CA GLY I 56 4.85 -42.46 -7.80
C GLY I 56 6.33 -42.49 -7.50
N ARG I 57 6.99 -43.49 -8.07
CA ARG I 57 8.43 -43.63 -7.99
C ARG I 57 9.08 -43.02 -9.22
N ILE I 58 10.20 -42.33 -9.02
CA ILE I 58 10.88 -41.62 -10.10
C ILE I 58 11.76 -42.62 -10.85
N GLU I 59 11.38 -42.93 -12.10
CA GLU I 59 12.18 -43.86 -12.90
C GLU I 59 13.17 -43.15 -13.79
N SER I 60 12.89 -41.94 -14.23
CA SER I 60 13.78 -41.20 -15.11
C SER I 60 13.56 -39.71 -14.95
N LEU I 61 14.65 -38.95 -15.05
CA LEU I 61 14.62 -37.50 -14.99
C LEU I 61 15.43 -36.95 -16.15
N TRP I 62 14.84 -36.04 -16.93
CA TRP I 62 15.56 -35.43 -18.03
C TRP I 62 14.98 -34.05 -18.31
N GLU I 63 15.73 -33.27 -19.09
CA GLU I 63 15.32 -31.95 -19.55
C GLU I 63 15.35 -31.96 -21.07
N SER I 64 14.22 -31.65 -21.69
CA SER I 64 14.11 -31.64 -23.14
C SER I 64 14.75 -30.39 -23.72
N TRP I 65 14.69 -30.26 -25.04
CA TRP I 65 15.27 -29.11 -25.72
C TRP I 65 14.42 -27.86 -25.60
N GLY I 66 13.21 -27.96 -25.06
CA GLY I 66 12.38 -26.80 -24.80
C GLY I 66 12.52 -26.33 -23.36
N SER I 67 13.61 -26.73 -22.71
CA SER I 67 13.88 -26.38 -21.31
C SER I 67 12.76 -26.85 -20.39
N ASN I 68 12.15 -27.99 -20.70
CA ASN I 68 11.08 -28.56 -19.91
C ASN I 68 11.65 -29.64 -18.99
N MET I 69 11.55 -29.44 -17.68
CA MET I 69 11.99 -30.43 -16.72
C MET I 69 10.96 -31.56 -16.69
N VAL I 70 11.32 -32.71 -17.26
CA VAL I 70 10.42 -33.85 -17.38
C VAL I 70 10.84 -34.93 -16.39
N VAL I 71 9.85 -35.55 -15.76
CA VAL I 71 10.09 -36.67 -14.85
C VAL I 71 9.18 -37.83 -15.26
N LYS I 72 9.79 -38.99 -15.47
CA LYS I 72 9.03 -40.20 -15.74
C LYS I 72 8.74 -40.90 -14.42
N VAL I 73 7.46 -41.17 -14.18
CA VAL I 73 6.98 -41.67 -12.89
C VAL I 73 6.26 -42.99 -13.11
N LYS I 74 6.62 -43.97 -12.29
CA LYS I 74 5.87 -45.23 -12.20
C LYS I 74 4.84 -45.06 -11.08
N TRP I 75 3.56 -45.15 -11.43
CA TRP I 75 2.49 -44.72 -10.54
C TRP I 75 2.22 -45.73 -9.44
N PHE I 76 1.71 -45.22 -8.32
CA PHE I 76 1.09 -46.02 -7.26
C PHE I 76 -0.38 -45.64 -7.21
N TYR I 77 -1.25 -46.63 -7.06
CA TYR I 77 -2.69 -46.40 -7.14
C TYR I 77 -3.33 -46.50 -5.76
N HIS I 78 -4.33 -45.67 -5.52
CA HIS I 78 -5.08 -45.78 -4.28
C HIS I 78 -6.22 -46.78 -4.45
N PRO I 79 -6.67 -47.40 -3.35
CA PRO I 79 -7.79 -48.34 -3.46
C PRO I 79 -9.04 -47.71 -4.05
N GLU I 80 -9.29 -46.43 -3.77
CA GLU I 80 -10.47 -45.76 -4.31
C GLU I 80 -10.33 -45.46 -5.80
N GLU I 81 -9.14 -45.63 -6.37
CA GLU I 81 -8.91 -45.30 -7.78
C GLU I 81 -9.10 -46.49 -8.72
N THR I 82 -8.97 -47.72 -8.21
CA THR I 82 -9.11 -48.90 -9.05
C THR I 82 -10.59 -49.26 -9.18
N LYS I 83 -10.87 -50.45 -9.71
CA LYS I 83 -12.27 -50.85 -9.94
C LYS I 83 -12.99 -51.09 -8.62
N LEU I 84 -12.36 -51.80 -7.69
CA LEU I 84 -12.91 -52.06 -6.37
C LEU I 84 -12.36 -51.01 -5.41
N GLY I 85 -13.22 -50.09 -4.98
CA GLY I 85 -12.77 -48.93 -4.23
C GLY I 85 -12.78 -49.07 -2.72
N LYS I 86 -11.60 -49.27 -2.14
CA LYS I 86 -11.40 -49.30 -0.68
C LYS I 86 -12.48 -50.15 0.01
N ARG I 87 -12.65 -51.36 -0.50
CA ARG I 87 -13.69 -52.29 -0.07
C ARG I 87 -13.70 -52.52 1.43
N GLN I 88 -12.73 -53.30 1.93
CA GLN I 88 -12.72 -53.68 3.33
C GLN I 88 -11.29 -53.76 3.83
N SER I 89 -11.05 -53.16 4.99
CA SER I 89 -9.78 -53.27 5.71
C SER I 89 -8.60 -52.84 4.85
N ASP I 90 -8.85 -51.86 3.98
CA ASP I 90 -7.81 -51.23 3.18
C ASP I 90 -7.43 -49.92 3.85
N GLY I 91 -6.18 -49.82 4.29
CA GLY I 91 -5.75 -48.68 5.08
C GLY I 91 -5.87 -47.37 4.33
N LYS I 92 -5.90 -46.28 5.11
CA LYS I 92 -5.98 -44.95 4.52
C LYS I 92 -4.73 -44.62 3.73
N ASN I 93 -3.59 -45.21 4.09
CA ASN I 93 -2.33 -45.02 3.37
C ASN I 93 -1.97 -46.24 2.53
N ALA I 94 -2.98 -46.93 2.00
CA ALA I 94 -2.74 -48.11 1.19
C ALA I 94 -2.39 -47.71 -0.23
N LEU I 95 -1.28 -48.25 -0.74
CA LEU I 95 -0.84 -47.99 -2.10
C LEU I 95 -0.63 -49.30 -2.83
N TYR I 96 -1.19 -49.39 -4.03
CA TYR I 96 -1.05 -50.55 -4.89
C TYR I 96 0.05 -50.27 -5.90
N GLN I 97 1.08 -51.10 -5.92
CA GLN I 97 2.16 -50.95 -6.88
C GLN I 97 1.63 -51.19 -8.29
N SER I 98 2.28 -50.57 -9.28
CA SER I 98 1.85 -50.71 -10.66
C SER I 98 3.05 -50.57 -11.58
N CYS I 99 2.90 -51.11 -12.79
CA CYS I 99 3.90 -50.94 -13.84
C CYS I 99 3.59 -49.75 -14.73
N HIS I 100 2.37 -49.23 -14.69
CA HIS I 100 1.99 -48.09 -15.52
C HIS I 100 2.84 -46.88 -15.16
N GLU I 101 3.55 -46.35 -16.17
CA GLU I 101 4.44 -45.22 -15.99
C GLU I 101 4.19 -44.20 -17.09
N ASP I 102 4.33 -42.93 -16.74
CA ASP I 102 4.15 -41.85 -17.71
C ASP I 102 4.93 -40.62 -17.26
N GLU I 103 4.98 -39.62 -18.13
CA GLU I 103 5.80 -38.44 -17.91
C GLU I 103 4.96 -37.29 -17.36
N ASN I 104 5.61 -36.44 -16.58
CA ASN I 104 5.00 -35.24 -16.02
C ASN I 104 6.06 -34.16 -15.88
N ASP I 105 5.63 -32.98 -15.44
CA ASP I 105 6.56 -31.88 -15.19
C ASP I 105 7.17 -32.04 -13.81
N VAL I 106 8.46 -31.73 -13.70
CA VAL I 106 9.18 -31.94 -12.44
C VAL I 106 8.62 -31.04 -11.35
N GLN I 107 8.20 -29.82 -11.71
CA GLN I 107 7.74 -28.85 -10.72
C GLN I 107 6.40 -29.23 -10.09
N THR I 108 5.73 -30.29 -10.57
CA THR I 108 4.48 -30.72 -9.96
C THR I 108 4.68 -31.62 -8.76
N ILE I 109 5.92 -31.99 -8.45
CA ILE I 109 6.20 -32.83 -7.29
C ILE I 109 5.96 -32.03 -6.02
N SER I 110 4.98 -32.46 -5.22
CA SER I 110 4.67 -31.77 -3.98
C SER I 110 5.80 -31.97 -2.96
N HIS I 111 6.08 -33.21 -2.62
CA HIS I 111 7.14 -33.54 -1.66
C HIS I 111 7.53 -35.00 -1.84
N LYS I 112 8.45 -35.45 -0.99
CA LYS I 112 8.96 -36.81 -1.03
C LYS I 112 8.31 -37.64 0.07
N CYS I 113 7.96 -38.88 -0.27
CA CYS I 113 7.40 -39.81 0.70
C CYS I 113 8.20 -41.11 0.72
N GLN I 114 7.66 -42.13 1.38
CA GLN I 114 8.33 -43.42 1.46
C GLN I 114 7.29 -44.51 1.60
N VAL I 115 7.42 -45.58 0.81
CA VAL I 115 6.48 -46.70 0.80
C VAL I 115 7.21 -47.92 1.34
N VAL I 116 6.65 -48.53 2.38
CA VAL I 116 7.20 -49.72 3.01
C VAL I 116 6.10 -50.76 3.14
N GLY I 117 6.48 -51.95 3.60
CA GLY I 117 5.49 -52.97 3.91
C GLY I 117 4.70 -52.64 5.15
N ARG I 118 3.58 -53.34 5.32
CA ARG I 118 2.73 -53.07 6.48
C ARG I 118 3.45 -53.37 7.80
N GLU I 119 4.40 -54.30 7.79
CA GLU I 119 5.20 -54.57 8.97
C GLU I 119 5.99 -53.33 9.38
N GLN I 120 6.84 -52.84 8.48
CA GLN I 120 7.60 -51.61 8.75
C GLN I 120 6.66 -50.43 8.99
N TYR I 121 5.55 -50.38 8.27
CA TYR I 121 4.61 -49.27 8.41
C TYR I 121 4.08 -49.19 9.84
N GLU I 122 3.49 -50.29 10.34
CA GLU I 122 2.94 -50.28 11.68
C GLU I 122 4.01 -50.34 12.75
N GLN I 123 5.25 -50.69 12.40
CA GLN I 123 6.33 -50.63 13.37
C GLN I 123 6.81 -49.21 13.59
N MET I 124 6.95 -48.44 12.51
CA MET I 124 7.41 -47.05 12.66
C MET I 124 6.29 -46.13 13.11
N MET I 125 5.05 -46.41 12.67
CA MET I 125 3.95 -45.47 12.84
C MET I 125 3.05 -45.84 14.01
N ARG I 126 3.61 -46.46 15.05
CA ARG I 126 2.83 -46.83 16.22
C ARG I 126 2.88 -45.77 17.31
N GLY I 127 3.84 -44.85 17.26
CA GLY I 127 4.02 -43.90 18.33
C GLY I 127 3.54 -42.49 18.05
N ARG I 128 3.92 -41.94 16.89
CA ARG I 128 3.60 -40.56 16.56
C ARG I 128 2.10 -40.34 16.56
N LYS I 129 1.69 -39.14 16.99
CA LYS I 129 0.27 -38.87 17.19
C LYS I 129 -0.45 -38.48 15.91
N TYR I 130 0.26 -38.06 14.87
CA TYR I 130 -0.36 -37.54 13.66
C TYR I 130 -0.49 -38.69 12.66
N GLN I 131 -1.70 -39.26 12.58
CA GLN I 131 -1.92 -40.59 12.00
C GLN I 131 -2.24 -40.55 10.52
N ASP I 132 -3.02 -39.58 10.06
CA ASP I 132 -3.21 -39.37 8.63
C ASP I 132 -1.91 -38.82 8.07
N GLN I 133 -1.25 -39.58 7.19
CA GLN I 133 0.06 -39.18 6.71
C GLN I 133 0.09 -39.12 5.20
N GLN I 134 0.89 -38.20 4.68
CA GLN I 134 1.16 -38.10 3.26
C GLN I 134 2.62 -38.31 2.94
N ASP I 135 3.43 -38.67 3.94
CA ASP I 135 4.85 -38.93 3.75
C ASP I 135 5.22 -40.40 3.96
N LEU I 136 4.35 -41.21 4.55
CA LEU I 136 4.62 -42.62 4.79
C LEU I 136 3.40 -43.43 4.36
N TYR I 137 3.61 -44.39 3.47
CA TYR I 137 2.54 -45.22 2.96
C TYR I 137 2.95 -46.68 3.04
N TYR I 138 1.97 -47.57 3.06
CA TYR I 138 2.20 -49.01 3.12
C TYR I 138 1.73 -49.67 1.82
N LEU I 139 2.55 -50.57 1.30
CA LEU I 139 2.26 -51.25 0.05
C LEU I 139 1.26 -52.38 0.28
N ALA I 140 0.19 -52.39 -0.53
CA ALA I 140 -0.87 -53.37 -0.37
C ALA I 140 -1.03 -54.33 -1.53
N GLY I 141 -0.30 -54.14 -2.64
CA GLY I 141 -0.42 -55.10 -3.72
C GLY I 141 0.02 -54.50 -5.05
N THR I 142 -0.55 -55.06 -6.12
CA THR I 142 -0.20 -54.72 -7.48
C THR I 142 -1.46 -54.56 -8.31
N TYR I 143 -1.49 -53.51 -9.14
CA TYR I 143 -2.67 -53.17 -9.93
C TYR I 143 -2.24 -52.85 -11.36
N ASP I 144 -2.92 -53.47 -12.32
CA ASP I 144 -2.71 -53.18 -13.74
C ASP I 144 -3.96 -52.52 -14.30
N PRO I 145 -3.98 -51.19 -14.46
CA PRO I 145 -5.21 -50.53 -14.91
C PRO I 145 -5.65 -50.95 -16.31
N THR I 146 -4.73 -51.38 -17.16
CA THR I 146 -5.10 -51.80 -18.51
C THR I 146 -5.94 -53.07 -18.48
N THR I 147 -5.72 -53.94 -17.49
CA THR I 147 -6.45 -55.20 -17.38
C THR I 147 -7.46 -55.22 -16.24
N GLY I 148 -7.35 -54.31 -15.27
CA GLY I 148 -8.21 -54.32 -14.11
C GLY I 148 -7.85 -55.34 -13.05
N ARG I 149 -6.88 -56.22 -13.33
CA ARG I 149 -6.46 -57.21 -12.34
C ARG I 149 -5.82 -56.50 -11.14
N LEU I 150 -6.00 -57.09 -9.96
CA LEU I 150 -5.50 -56.49 -8.72
C LEU I 150 -5.18 -57.61 -7.74
N VAL I 151 -3.91 -57.69 -7.35
CA VAL I 151 -3.46 -58.70 -6.39
C VAL I 151 -2.95 -57.99 -5.15
N THR I 152 -2.85 -58.74 -4.06
CA THR I 152 -2.39 -58.19 -2.80
C THR I 152 -0.86 -58.29 -2.70
N ALA I 153 -0.32 -57.82 -1.58
CA ALA I 153 1.12 -57.90 -1.33
C ALA I 153 1.61 -59.33 -1.19
N ASP I 154 0.70 -60.30 -1.05
CA ASP I 154 1.04 -61.72 -1.06
C ASP I 154 0.60 -62.40 -2.33
N GLY I 155 0.35 -61.65 -3.39
CA GLY I 155 0.03 -62.21 -4.68
C GLY I 155 -1.29 -62.93 -4.78
N VAL I 156 -2.24 -62.60 -3.93
CA VAL I 156 -3.56 -63.24 -3.92
C VAL I 156 -4.53 -62.35 -4.69
N PRO I 157 -5.26 -62.88 -5.67
CA PRO I 157 -6.30 -62.09 -6.33
C PRO I 157 -7.35 -61.62 -5.33
N VAL I 158 -8.06 -60.56 -5.71
CA VAL I 158 -9.00 -59.89 -4.80
C VAL I 158 -10.33 -60.63 -4.74
N LEU I 159 -11.32 -60.01 -4.12
CA LEU I 159 -12.64 -60.62 -3.96
C LEU I 159 -13.74 -59.56 -4.09
N ARG J 2 -7.78 -4.73 -32.01
CA ARG J 2 -8.23 -3.40 -32.40
C ARG J 2 -7.31 -2.79 -33.45
N GLN J 3 -7.36 -1.47 -33.57
CA GLN J 3 -6.53 -0.74 -34.52
C GLN J 3 -5.32 -0.15 -33.78
N LEU J 4 -4.19 -0.11 -34.47
CA LEU J 4 -2.94 0.31 -33.86
C LEU J 4 -2.72 1.83 -34.02
N TRP J 5 -1.76 2.34 -33.26
CA TRP J 5 -1.31 3.72 -33.38
C TRP J 5 0.03 3.74 -34.10
N LYS J 6 0.21 4.74 -34.97
CA LYS J 6 1.43 4.85 -35.77
C LYS J 6 1.98 6.27 -35.69
N TRP J 7 3.29 6.38 -35.89
CA TRP J 7 3.95 7.68 -35.85
C TRP J 7 3.49 8.54 -37.02
N SER J 8 3.32 9.84 -36.75
CA SER J 8 2.92 10.82 -37.75
C SER J 8 4.00 11.90 -37.81
N GLY J 9 5.00 11.69 -38.66
CA GLY J 9 6.08 12.64 -38.81
C GLY J 9 7.45 12.03 -38.61
N ASN J 10 8.48 12.67 -39.16
CA ASN J 10 9.83 12.17 -39.01
C ASN J 10 10.30 12.32 -37.57
N PRO J 11 11.12 11.38 -37.08
CA PRO J 11 11.56 11.45 -35.68
C PRO J 11 12.57 12.56 -35.43
N THR J 12 12.94 12.74 -34.15
CA THR J 12 13.93 13.74 -33.72
C THR J 12 14.88 13.02 -32.78
N GLN J 13 15.84 12.31 -33.35
CA GLN J 13 16.72 11.44 -32.57
C GLN J 13 17.68 12.27 -31.72
N ARG J 14 17.64 12.04 -30.41
CA ARG J 14 18.58 12.67 -29.49
C ARG J 14 19.54 11.63 -28.91
N ARG J 22 19.70 6.79 -29.55
CA ARG J 22 19.32 5.87 -28.49
C ARG J 22 17.81 5.91 -28.24
N LYS J 23 17.16 6.96 -28.75
CA LYS J 23 15.72 7.11 -28.63
C LYS J 23 15.23 7.94 -29.80
N LEU J 24 14.12 7.50 -30.42
CA LEU J 24 13.56 8.18 -31.58
C LEU J 24 12.35 8.99 -31.12
N PHE J 25 12.55 10.28 -30.85
CA PHE J 25 11.49 11.13 -30.33
C PHE J 25 10.61 11.63 -31.47
N TYR J 26 9.32 11.33 -31.38
CA TYR J 26 8.33 11.78 -32.34
C TYR J 26 7.48 12.89 -31.73
N LYS J 27 6.54 13.40 -32.51
CA LYS J 27 5.71 14.51 -32.09
C LYS J 27 4.23 14.17 -31.98
N ALA J 28 3.74 13.19 -32.74
CA ALA J 28 2.32 12.88 -32.73
C ALA J 28 2.11 11.45 -33.21
N ILE J 29 0.90 10.95 -32.97
CA ILE J 29 0.47 9.63 -33.41
C ILE J 29 -0.89 9.77 -34.08
N VAL J 30 -1.21 8.82 -34.94
CA VAL J 30 -2.44 8.86 -35.73
C VAL J 30 -3.13 7.50 -35.69
N ARG J 31 -4.46 7.54 -35.86
CA ARG J 31 -5.27 6.32 -35.92
C ARG J 31 -6.57 6.69 -36.64
N GLY J 32 -6.61 6.43 -37.94
CA GLY J 32 -7.79 6.79 -38.72
C GLY J 32 -7.98 8.29 -38.73
N LYS J 33 -9.13 8.74 -38.25
CA LYS J 33 -9.44 10.15 -38.16
C LYS J 33 -8.98 10.77 -36.84
N GLU J 34 -8.26 10.02 -36.01
CA GLU J 34 -7.79 10.51 -34.73
C GLU J 34 -6.31 10.89 -34.82
N THR J 35 -5.95 12.00 -34.19
CA THR J 35 -4.57 12.47 -34.16
C THR J 35 -4.27 13.00 -32.77
N LEU J 36 -3.25 12.44 -32.13
CA LEU J 36 -2.85 12.82 -30.77
C LEU J 36 -1.46 13.44 -30.82
N ARG J 37 -1.36 14.70 -30.42
CA ARG J 37 -0.09 15.42 -30.40
C ARG J 37 0.32 15.72 -28.96
N ILE J 38 1.53 16.26 -28.82
CA ILE J 38 2.04 16.62 -27.51
C ILE J 38 1.18 17.72 -26.92
N GLY J 39 0.81 17.57 -25.64
CA GLY J 39 -0.05 18.49 -24.95
C GLY J 39 -1.50 18.04 -24.87
N ASP J 40 -1.94 17.22 -25.82
CA ASP J 40 -3.30 16.71 -25.80
C ASP J 40 -3.47 15.71 -24.66
N CYS J 41 -4.72 15.49 -24.29
CA CYS J 41 -5.08 14.59 -23.20
C CYS J 41 -5.65 13.29 -23.76
N ALA J 42 -5.28 12.17 -23.14
CA ALA J 42 -5.68 10.86 -23.60
C ALA J 42 -6.22 10.02 -22.45
N VAL J 43 -7.32 9.31 -22.72
CA VAL J 43 -7.85 8.29 -21.83
C VAL J 43 -7.25 6.96 -22.25
N PHE J 44 -6.68 6.24 -21.28
CA PHE J 44 -5.91 5.02 -21.48
C PHE J 44 -6.77 3.79 -21.18
N LEU J 45 -6.16 2.62 -21.40
CA LEU J 45 -6.78 1.33 -21.09
C LEU J 45 -6.39 0.97 -19.66
N SER J 46 -7.26 1.28 -18.71
CA SER J 46 -6.97 1.00 -17.32
C SER J 46 -7.35 -0.43 -16.96
N ALA J 47 -6.46 -1.12 -16.26
CA ALA J 47 -6.75 -2.48 -15.81
C ALA J 47 -7.51 -2.51 -14.49
N GLY J 48 -7.29 -1.52 -13.64
CA GLY J 48 -7.92 -1.48 -12.34
C GLY J 48 -9.36 -0.98 -12.32
N ARG J 49 -9.62 0.13 -13.01
CA ARG J 49 -10.89 0.83 -12.81
C ARG J 49 -11.64 1.07 -14.10
N PRO J 50 -12.95 0.80 -14.13
CA PRO J 50 -13.80 1.40 -15.15
C PRO J 50 -14.56 2.58 -14.57
N ASN J 51 -14.95 3.55 -15.41
CA ASN J 51 -15.55 4.81 -14.97
C ASN J 51 -14.61 5.63 -14.10
N LEU J 52 -13.36 5.18 -13.94
CA LEU J 52 -12.28 5.97 -13.38
C LEU J 52 -11.03 5.70 -14.19
N PRO J 53 -11.05 5.90 -15.51
CA PRO J 53 -9.95 5.38 -16.33
C PRO J 53 -8.70 6.24 -16.21
N TYR J 54 -7.56 5.62 -16.46
CA TYR J 54 -6.29 6.33 -16.45
C TYR J 54 -6.30 7.41 -17.52
N ILE J 55 -6.42 8.66 -17.10
CA ILE J 55 -6.44 9.81 -18.01
C ILE J 55 -5.20 10.63 -17.75
N GLY J 56 -4.56 11.11 -18.82
CA GLY J 56 -3.37 11.91 -18.64
C GLY J 56 -3.14 12.86 -19.79
N ARG J 57 -2.05 13.64 -19.66
CA ARG J 57 -1.60 14.55 -20.70
C ARG J 57 -0.25 14.09 -21.21
N ILE J 58 -0.14 13.95 -22.53
CA ILE J 58 1.06 13.42 -23.18
C ILE J 58 2.15 14.49 -23.11
N GLU J 59 3.22 14.21 -22.38
CA GLU J 59 4.33 15.14 -22.27
C GLU J 59 5.42 14.87 -23.31
N SER J 60 5.66 13.60 -23.63
CA SER J 60 6.69 13.24 -24.60
C SER J 60 6.33 11.92 -25.25
N LEU J 61 6.67 11.80 -26.54
CA LEU J 61 6.42 10.59 -27.32
C LEU J 61 7.72 10.15 -27.96
N TRP J 62 8.12 8.90 -27.71
CA TRP J 62 9.34 8.38 -28.31
C TRP J 62 9.22 6.88 -28.52
N GLU J 63 9.96 6.40 -29.51
CA GLU J 63 10.12 4.97 -29.77
C GLU J 63 11.50 4.54 -29.29
N SER J 64 11.53 3.47 -28.49
CA SER J 64 12.78 2.99 -27.90
C SER J 64 13.53 2.09 -28.88
N TRP J 65 14.47 1.29 -28.36
CA TRP J 65 15.29 0.46 -29.23
C TRP J 65 14.48 -0.69 -29.83
N GLY J 66 13.82 -1.49 -28.98
CA GLY J 66 13.09 -2.65 -29.45
C GLY J 66 11.77 -2.32 -30.13
N SER J 67 11.74 -1.25 -30.90
CA SER J 67 10.56 -0.78 -31.64
C SER J 67 9.37 -0.49 -30.74
N ASN J 68 9.57 -0.40 -29.42
CA ASN J 68 8.47 -0.14 -28.51
C ASN J 68 8.06 1.33 -28.58
N MET J 69 6.77 1.55 -28.74
CA MET J 69 6.21 2.91 -28.74
C MET J 69 5.87 3.28 -27.30
N VAL J 70 6.62 4.23 -26.75
CA VAL J 70 6.48 4.63 -25.35
C VAL J 70 5.92 6.04 -25.30
N VAL J 71 4.91 6.25 -24.44
CA VAL J 71 4.33 7.55 -24.21
C VAL J 71 4.54 7.93 -22.75
N LYS J 72 5.15 9.08 -22.51
CA LYS J 72 5.28 9.61 -21.17
C LYS J 72 4.13 10.57 -20.91
N VAL J 73 3.48 10.41 -19.76
CA VAL J 73 2.24 11.10 -19.46
C VAL J 73 2.36 11.69 -18.08
N LYS J 74 1.65 12.80 -17.84
CA LYS J 74 1.40 13.27 -16.48
C LYS J 74 -0.10 13.17 -16.20
N TRP J 75 -0.45 12.56 -15.08
CA TRP J 75 -1.79 12.03 -14.88
C TRP J 75 -2.75 13.11 -14.40
N PHE J 76 -4.04 12.89 -14.70
CA PHE J 76 -5.13 13.56 -14.04
C PHE J 76 -5.77 12.61 -13.04
N TYR J 77 -6.10 13.13 -11.86
CA TYR J 77 -6.65 12.32 -10.79
C TYR J 77 -8.15 12.58 -10.66
N HIS J 78 -8.92 11.50 -10.57
CA HIS J 78 -10.34 11.62 -10.31
C HIS J 78 -10.56 11.94 -8.84
N PRO J 79 -11.65 12.66 -8.51
CA PRO J 79 -11.90 13.00 -7.10
C PRO J 79 -11.99 11.79 -6.19
N GLU J 80 -12.39 10.63 -6.72
CA GLU J 80 -12.45 9.41 -5.93
C GLU J 80 -11.07 8.80 -5.69
N GLU J 81 -10.02 9.35 -6.28
CA GLU J 81 -8.67 8.83 -6.14
C GLU J 81 -7.77 9.70 -5.28
N THR J 82 -8.27 10.82 -4.77
CA THR J 82 -7.48 11.74 -3.98
C THR J 82 -7.63 11.40 -2.50
N LYS J 83 -7.20 12.31 -1.62
CA LYS J 83 -7.39 12.11 -0.19
C LYS J 83 -8.83 12.41 0.22
N LEU J 84 -9.30 13.63 -0.04
CA LEU J 84 -10.69 13.99 0.16
C LEU J 84 -11.48 13.36 -0.98
N GLY J 85 -11.94 12.13 -0.76
CA GLY J 85 -12.51 11.33 -1.81
C GLY J 85 -13.90 11.73 -2.27
N LYS J 86 -13.98 12.25 -3.50
CA LYS J 86 -15.23 12.56 -4.17
C LYS J 86 -16.12 13.46 -3.31
N ARG J 87 -15.56 14.59 -2.91
CA ARG J 87 -16.33 15.57 -2.15
C ARG J 87 -17.55 16.02 -2.96
N GLN J 88 -18.68 16.13 -2.27
CA GLN J 88 -19.93 16.53 -2.90
C GLN J 88 -19.80 17.91 -3.55
N SER J 89 -20.65 18.16 -4.54
CA SER J 89 -20.63 19.35 -5.37
C SER J 89 -19.40 19.41 -6.27
N ASP J 90 -18.58 18.35 -6.29
CA ASP J 90 -17.52 18.26 -7.30
C ASP J 90 -18.11 18.34 -8.70
N GLY J 91 -19.07 17.49 -9.01
CA GLY J 91 -19.62 17.41 -10.34
C GLY J 91 -19.59 15.98 -10.84
N LYS J 92 -19.64 15.81 -12.16
CA LYS J 92 -19.62 14.46 -12.73
C LYS J 92 -18.22 14.09 -13.20
N ASN J 93 -17.77 14.71 -14.28
CA ASN J 93 -16.49 14.37 -14.90
C ASN J 93 -15.43 15.41 -14.52
N ALA J 94 -15.00 15.31 -13.26
CA ALA J 94 -13.97 16.20 -12.72
C ALA J 94 -12.61 15.55 -12.79
N LEU J 95 -11.59 16.34 -13.12
CA LEU J 95 -10.22 15.86 -13.16
C LEU J 95 -9.30 16.85 -12.47
N TYR J 96 -8.45 16.36 -11.59
CA TYR J 96 -7.46 17.18 -10.90
C TYR J 96 -6.13 17.08 -11.61
N GLN J 97 -5.57 18.24 -11.98
CA GLN J 97 -4.27 18.27 -12.63
C GLN J 97 -3.17 17.86 -11.66
N SER J 98 -2.21 17.08 -12.16
CA SER J 98 -1.11 16.61 -11.33
C SER J 98 0.16 16.56 -12.16
N CYS J 99 1.29 16.57 -11.46
CA CYS J 99 2.60 16.47 -12.09
C CYS J 99 3.13 15.04 -12.14
N HIS J 100 2.49 14.11 -11.44
CA HIS J 100 2.95 12.72 -11.41
C HIS J 100 3.00 12.14 -12.82
N GLU J 101 4.21 11.76 -13.24
CA GLU J 101 4.44 11.24 -14.58
C GLU J 101 4.69 9.75 -14.56
N ASP J 102 4.43 9.12 -15.71
CA ASP J 102 4.60 7.69 -15.88
C ASP J 102 4.76 7.38 -17.36
N GLU J 103 5.55 6.35 -17.65
CA GLU J 103 5.77 5.89 -19.01
C GLU J 103 4.93 4.64 -19.26
N ASN J 104 4.18 4.64 -20.36
CA ASN J 104 3.32 3.51 -20.71
C ASN J 104 3.48 3.20 -22.19
N ASP J 105 2.84 2.11 -22.61
CA ASP J 105 2.82 1.75 -24.01
C ASP J 105 1.81 2.60 -24.75
N VAL J 106 2.17 3.04 -25.96
CA VAL J 106 1.29 3.90 -26.75
C VAL J 106 0.00 3.18 -27.08
N GLN J 107 0.07 1.87 -27.32
CA GLN J 107 -1.12 1.10 -27.66
C GLN J 107 -2.11 0.99 -26.50
N THR J 108 -1.72 1.38 -25.29
CA THR J 108 -2.66 1.42 -24.17
C THR J 108 -3.53 2.67 -24.19
N ILE J 109 -3.30 3.59 -25.12
CA ILE J 109 -4.14 4.78 -25.24
C ILE J 109 -5.47 4.39 -25.87
N SER J 110 -6.55 4.57 -25.12
CA SER J 110 -7.88 4.26 -25.64
C SER J 110 -8.33 5.32 -26.65
N HIS J 111 -8.42 6.58 -26.21
CA HIS J 111 -8.87 7.63 -27.11
C HIS J 111 -8.53 9.00 -26.56
N LYS J 112 -8.45 9.97 -27.47
CA LYS J 112 -8.20 11.35 -27.07
C LYS J 112 -9.40 11.93 -26.33
N CYS J 113 -9.16 13.04 -25.63
CA CYS J 113 -10.22 13.71 -24.87
C CYS J 113 -9.83 15.16 -24.68
N GLN J 114 -10.76 15.94 -24.14
CA GLN J 114 -10.56 17.36 -23.90
C GLN J 114 -10.82 17.68 -22.44
N VAL J 115 -10.14 18.73 -21.96
CA VAL J 115 -10.27 19.19 -20.58
C VAL J 115 -10.46 20.69 -20.61
N VAL J 116 -11.58 21.17 -20.07
CA VAL J 116 -11.88 22.60 -20.07
C VAL J 116 -12.34 23.04 -18.69
N GLY J 117 -12.83 24.28 -18.59
CA GLY J 117 -13.30 24.80 -17.33
C GLY J 117 -14.71 24.36 -16.98
N ARG J 118 -15.08 24.60 -15.72
CA ARG J 118 -16.39 24.19 -15.23
C ARG J 118 -17.51 24.88 -15.99
N GLU J 119 -17.41 26.20 -16.15
CA GLU J 119 -18.37 26.92 -16.99
C GLU J 119 -18.32 26.42 -18.42
N GLN J 120 -17.11 26.21 -18.95
CA GLN J 120 -16.98 25.65 -20.29
C GLN J 120 -17.54 24.24 -20.36
N TYR J 121 -17.36 23.45 -19.30
CA TYR J 121 -17.89 22.09 -19.28
C TYR J 121 -19.41 22.11 -19.31
N GLU J 122 -20.04 23.03 -18.57
CA GLU J 122 -21.48 23.16 -18.61
C GLU J 122 -21.96 23.67 -19.97
N GLN J 123 -21.18 24.54 -20.61
CA GLN J 123 -21.60 25.08 -21.90
C GLN J 123 -21.52 24.03 -23.00
N MET J 124 -20.44 23.26 -23.03
CA MET J 124 -20.28 22.24 -24.08
C MET J 124 -21.32 21.13 -23.95
N MET J 125 -21.59 20.69 -22.71
CA MET J 125 -22.59 19.67 -22.44
C MET J 125 -23.89 20.28 -21.92
N ARG J 126 -24.34 21.39 -22.52
CA ARG J 126 -25.54 22.06 -22.05
C ARG J 126 -26.79 21.25 -22.38
N GLY J 127 -26.99 20.95 -23.66
CA GLY J 127 -28.18 20.24 -24.08
C GLY J 127 -27.89 18.95 -24.83
N ARG J 128 -26.71 18.38 -24.61
CA ARG J 128 -26.36 17.12 -25.26
C ARG J 128 -27.20 15.98 -24.68
N LYS J 129 -27.50 15.01 -25.53
CA LYS J 129 -28.47 13.98 -25.16
C LYS J 129 -27.90 13.03 -24.11
N TYR J 130 -26.61 12.71 -24.19
CA TYR J 130 -26.01 11.67 -23.35
C TYR J 130 -24.92 12.28 -22.49
N GLN J 131 -25.16 12.31 -21.17
CA GLN J 131 -24.09 12.60 -20.20
C GLN J 131 -23.33 11.31 -19.93
N ASP J 132 -22.58 11.26 -18.84
CA ASP J 132 -21.81 10.07 -18.45
C ASP J 132 -20.95 9.59 -19.60
N GLN J 133 -20.06 10.50 -20.04
CA GLN J 133 -19.33 10.37 -21.28
C GLN J 133 -17.86 10.73 -21.08
N GLN J 134 -16.99 10.02 -21.77
CA GLN J 134 -15.55 9.99 -21.46
C GLN J 134 -14.68 10.65 -22.54
N ASP J 135 -15.14 11.76 -23.11
CA ASP J 135 -14.31 12.55 -24.02
C ASP J 135 -14.15 13.99 -23.58
N LEU J 136 -14.96 14.49 -22.65
CA LEU J 136 -14.88 15.86 -22.18
C LEU J 136 -14.89 15.86 -20.66
N TYR J 137 -13.87 16.48 -20.06
CA TYR J 137 -13.77 16.63 -18.62
C TYR J 137 -13.48 18.08 -18.28
N TYR J 138 -13.66 18.42 -17.01
CA TYR J 138 -13.37 19.76 -16.53
C TYR J 138 -12.33 19.70 -15.43
N LEU J 139 -11.47 20.72 -15.42
CA LEU J 139 -10.36 20.81 -14.47
C LEU J 139 -10.87 21.35 -13.13
N ALA J 140 -10.77 20.51 -12.10
CA ALA J 140 -11.19 20.93 -10.76
C ALA J 140 -10.08 21.67 -10.03
N GLY J 141 -8.83 21.28 -10.25
CA GLY J 141 -7.72 21.98 -9.62
C GLY J 141 -6.38 21.26 -9.75
N THR J 142 -5.64 21.19 -8.66
CA THR J 142 -4.31 20.61 -8.64
C THR J 142 -4.19 19.66 -7.45
N TYR J 143 -3.69 18.45 -7.69
CA TYR J 143 -3.58 17.43 -6.67
C TYR J 143 -2.14 16.94 -6.60
N ASP J 144 -1.54 17.04 -5.42
CA ASP J 144 -0.19 16.56 -5.18
C ASP J 144 -0.27 15.20 -4.49
N PRO J 145 -0.12 14.08 -5.21
CA PRO J 145 -0.27 12.77 -4.57
C PRO J 145 0.84 12.44 -3.59
N THR J 146 1.97 13.15 -3.63
CA THR J 146 3.05 12.89 -2.68
C THR J 146 2.67 13.39 -1.29
N THR J 147 2.01 14.54 -1.20
CA THR J 147 1.65 15.12 0.08
C THR J 147 0.17 14.94 0.42
N GLY J 148 -0.68 14.68 -0.57
CA GLY J 148 -2.11 14.64 -0.37
C GLY J 148 -2.79 15.98 -0.43
N ARG J 149 -2.04 17.07 -0.57
CA ARG J 149 -2.65 18.39 -0.69
C ARG J 149 -3.45 18.49 -1.98
N LEU J 150 -4.51 19.31 -1.94
CA LEU J 150 -5.40 19.46 -3.08
C LEU J 150 -5.95 20.87 -3.08
N VAL J 151 -5.70 21.60 -4.16
CA VAL J 151 -6.22 22.95 -4.32
C VAL J 151 -7.21 22.96 -5.48
N THR J 152 -8.13 23.92 -5.44
CA THR J 152 -9.15 24.04 -6.47
C THR J 152 -8.58 24.72 -7.71
N ALA J 153 -9.42 24.91 -8.72
CA ALA J 153 -9.00 25.61 -9.92
C ALA J 153 -8.71 27.08 -9.67
N ASP J 154 -9.17 27.61 -8.53
CA ASP J 154 -8.89 28.99 -8.14
C ASP J 154 -7.91 29.06 -6.96
N GLY J 155 -7.11 28.02 -6.77
CA GLY J 155 -6.08 28.01 -5.75
C GLY J 155 -6.61 28.10 -4.33
N VAL J 156 -7.49 27.18 -3.96
CA VAL J 156 -8.03 27.13 -2.60
C VAL J 156 -7.72 25.76 -2.00
N PRO J 157 -6.83 25.68 -1.01
CA PRO J 157 -6.50 24.38 -0.41
C PRO J 157 -7.68 23.72 0.27
N VAL J 158 -8.21 22.66 -0.35
CA VAL J 158 -9.35 21.95 0.22
C VAL J 158 -8.90 21.06 1.36
N LEU J 159 -9.84 20.74 2.25
CA LEU J 159 -9.55 19.90 3.40
C LEU J 159 -9.30 18.45 2.99
N ALA K 5 10.08 41.56 -6.15
CA ALA K 5 9.82 40.13 -6.04
C ALA K 5 11.03 39.41 -5.47
N ARG K 6 10.87 38.11 -5.21
CA ARG K 6 11.95 37.30 -4.66
C ARG K 6 11.75 35.82 -4.96
N SER K 8 12.78 31.60 -3.87
CA SER K 8 13.11 30.72 -2.75
C SER K 8 13.82 29.45 -3.21
N ALA K 9 14.78 29.63 -4.12
CA ALA K 9 15.59 28.53 -4.66
C ALA K 9 14.72 27.40 -5.21
N ALA L 5 -18.45 -35.00 -1.52
CA ALA L 5 -19.37 -33.87 -1.66
C ALA L 5 -18.68 -32.67 -2.29
N ARG L 6 -19.45 -31.84 -2.98
CA ARG L 6 -18.90 -30.68 -3.68
C ARG L 6 -19.36 -29.37 -3.06
N SER L 8 -21.27 -25.53 -3.25
CA SER L 8 -22.42 -24.84 -3.83
C SER L 8 -22.00 -23.52 -4.47
#